data_7JNI
#
_entry.id   7JNI
#
_cell.length_a   77.658
_cell.length_b   68.090
_cell.length_c   89.171
_cell.angle_alpha   90.000
_cell.angle_beta   104.650
_cell.angle_gamma   90.000
#
_symmetry.space_group_name_H-M   'P 1 21 1'
#
loop_
_entity.id
_entity.type
_entity.pdbx_description
1 polymer 'Soluble cytochrome b562,Type-2 angiotensin II receptor'
2 non-polymer Olodanrigan
3 non-polymer '(2R)-2,3-dihydroxypropyl (9Z)-octadec-9-enoate'
4 non-polymer 'OLEIC ACID'
5 non-polymer 'FORMIC ACID'
6 non-polymer HEXANE-1,6-DIOL
7 water water
#
_entity_poly.entity_id   1
_entity_poly.type   'polypeptide(L)'
_entity_poly.pdbx_seq_one_letter_code
;GADLEDNWETLNDNLKVIEKADNAAQVKDALTKMRAAALDAQKATPPKLEDKSPDSPEMKDFRHGFDILVGQIDDALKLA
NEGKVKEAQAAAEQLKTTRNAYIQKYLGSGSCSQKPSDKHLDAIPILYYIIFVIGFLVNIVVVTLF(YCM)CQKGPKKVS
SIYIFNLAVADLLLLATLPLWATYYSYRYDWLFGPVMCKVFGSFLTLNMFASIFFITCMSVDRYQSVIYPFLSQRRNPWQ
ASYIVPLVWCMACLSSLPTFYFRDVRTIEYLGVNACIMAFPPEKYAQWSAGIALMKNILGFIIPLIFIATCYFGIRKHLL
KTNSYGKNRITRDQVLKMAAAVVLAFIICWLPFHVLTFLDALAWMGVINSCEVIAVIDLALPFAILLGFTNSCVNPFLY
(YCM)FVGNRFQQKLRSVFRV
;
_entity_poly.pdbx_strand_id   A,B
#
loop_
_chem_comp.id
_chem_comp.type
_chem_comp.name
_chem_comp.formula
FMT non-polymer 'FORMIC ACID' 'C H2 O2'
HEZ non-polymer HEXANE-1,6-DIOL 'C6 H14 O2'
OLA non-polymer 'OLEIC ACID' 'C18 H34 O2'
OLC non-polymer '(2R)-2,3-dihydroxypropyl (9Z)-octadec-9-enoate' 'C21 H40 O4'
VFD non-polymer Olodanrigan 'C32 H29 N O5'
#
# COMPACT_ATOMS: atom_id res chain seq x y z
N ALA A 2 -20.06 29.47 29.32
CA ALA A 2 -19.88 29.61 30.76
C ALA A 2 -19.49 28.28 31.38
N ASP A 3 -18.93 27.40 30.55
CA ASP A 3 -18.54 26.05 30.95
C ASP A 3 -17.10 25.82 30.55
N LEU A 4 -16.45 24.86 31.22
CA LEU A 4 -15.04 24.59 30.95
C LEU A 4 -14.82 24.27 29.47
N GLU A 5 -15.65 23.38 28.91
CA GLU A 5 -15.52 23.06 27.49
C GLU A 5 -15.84 24.28 26.63
N ASP A 6 -16.85 25.06 27.04
CA ASP A 6 -17.19 26.28 26.32
C ASP A 6 -16.19 27.39 26.56
N ASN A 7 -15.58 27.45 27.75
CA ASN A 7 -14.56 28.46 27.99
C ASN A 7 -13.31 28.22 27.14
N TRP A 8 -12.98 26.95 26.89
CA TRP A 8 -11.83 26.65 26.04
C TRP A 8 -12.12 26.88 24.57
N GLU A 9 -13.38 26.75 24.15
CA GLU A 9 -13.72 27.06 22.76
C GLU A 9 -13.67 28.57 22.53
N THR A 10 -14.06 29.36 23.53
CA THR A 10 -13.94 30.81 23.41
C THR A 10 -12.47 31.21 23.31
N LEU A 11 -11.60 30.55 24.08
CA LEU A 11 -10.18 30.85 24.05
C LEU A 11 -9.57 30.49 22.70
N ASN A 12 -9.72 29.24 22.28
CA ASN A 12 -9.11 28.79 21.03
C ASN A 12 -9.73 29.47 19.81
N ASP A 13 -10.95 29.99 19.94
CA ASP A 13 -11.52 30.77 18.84
C ASP A 13 -10.92 32.16 18.79
N ASN A 14 -10.67 32.77 19.94
CA ASN A 14 -10.00 34.07 19.96
C ASN A 14 -8.52 33.95 19.64
N LEU A 15 -7.93 32.77 19.84
CA LEU A 15 -6.55 32.55 19.39
C LEU A 15 -6.45 32.68 17.88
N LYS A 16 -7.48 32.22 17.16
CA LYS A 16 -7.47 32.33 15.71
C LYS A 16 -7.64 33.78 15.27
N VAL A 17 -8.46 34.56 15.99
CA VAL A 17 -8.66 35.95 15.62
C VAL A 17 -7.35 36.73 15.70
N ILE A 18 -6.51 36.39 16.68
CA ILE A 18 -5.24 37.09 16.86
C ILE A 18 -4.30 36.76 15.71
N GLU A 19 -4.29 35.49 15.27
CA GLU A 19 -3.35 35.08 14.25
C GLU A 19 -3.63 35.74 12.91
N LYS A 20 -4.89 36.07 12.63
CA LYS A 20 -5.29 36.80 11.42
C LYS A 20 -5.80 38.18 11.83
N ALA A 21 -4.87 39.09 12.10
CA ALA A 21 -5.24 40.44 12.52
C ALA A 21 -4.16 41.41 12.06
N ASP A 22 -4.58 42.64 11.77
CA ASP A 22 -3.69 43.67 11.24
C ASP A 22 -3.42 44.81 12.21
N ASN A 23 -4.42 45.24 12.97
CA ASN A 23 -4.25 46.31 13.95
C ASN A 23 -4.27 45.73 15.37
N ALA A 24 -3.71 46.49 16.30
CA ALA A 24 -3.65 46.04 17.69
C ALA A 24 -5.01 46.10 18.37
N ALA A 25 -5.95 46.88 17.83
CA ALA A 25 -7.29 46.92 18.41
C ALA A 25 -8.00 45.58 18.26
N GLN A 26 -7.78 44.89 17.14
CA GLN A 26 -8.35 43.57 16.96
C GLN A 26 -7.75 42.58 17.96
N VAL A 27 -6.44 42.66 18.17
CA VAL A 27 -5.77 41.79 19.14
C VAL A 27 -6.27 42.11 20.54
N LYS A 28 -6.31 43.41 20.88
CA LYS A 28 -6.78 43.81 22.20
C LYS A 28 -8.19 43.28 22.47
N ASP A 29 -9.06 43.36 21.47
CA ASP A 29 -10.44 42.89 21.65
C ASP A 29 -10.47 41.38 21.90
N ALA A 30 -9.70 40.62 21.13
CA ALA A 30 -9.70 39.17 21.30
C ALA A 30 -9.09 38.78 22.66
N LEU A 31 -7.98 39.42 23.03
CA LEU A 31 -7.37 39.11 24.32
C LEU A 31 -8.29 39.45 25.49
N THR A 32 -9.10 40.49 25.35
CA THR A 32 -10.03 40.83 26.41
C THR A 32 -11.02 39.71 26.66
N LYS A 33 -11.56 39.13 25.58
CA LYS A 33 -12.47 38.00 25.74
C LYS A 33 -11.76 36.81 26.36
N MET A 34 -10.50 36.57 25.98
CA MET A 34 -9.78 35.41 26.49
C MET A 34 -9.56 35.51 27.99
N ARG A 35 -9.24 36.71 28.49
CA ARG A 35 -9.01 36.87 29.92
C ARG A 35 -10.26 36.54 30.73
N ALA A 36 -11.43 36.94 30.23
CA ALA A 36 -12.68 36.61 30.91
C ALA A 36 -12.94 35.11 30.91
N ALA A 37 -12.67 34.45 29.78
CA ALA A 37 -12.90 33.01 29.69
C ALA A 37 -11.96 32.24 30.60
N ALA A 38 -10.68 32.65 30.64
CA ALA A 38 -9.72 31.98 31.52
C ALA A 38 -10.15 32.09 32.98
N LEU A 39 -10.49 33.30 33.41
CA LEU A 39 -10.94 33.48 34.79
C LEU A 39 -12.22 32.69 35.06
N ASP A 40 -13.14 32.66 34.09
CA ASP A 40 -14.37 31.91 34.28
C ASP A 40 -14.09 30.41 34.30
N ALA A 41 -13.22 29.93 33.41
CA ALA A 41 -12.88 28.51 33.39
C ALA A 41 -12.21 28.10 34.69
N GLN A 42 -11.48 29.03 35.32
CA GLN A 42 -10.86 28.75 36.60
C GLN A 42 -11.89 28.37 37.65
N LYS A 43 -13.15 28.80 37.47
CA LYS A 43 -14.21 28.52 38.41
C LYS A 43 -15.09 27.36 37.95
N ALA A 44 -14.49 26.38 37.27
CA ALA A 44 -15.22 25.26 36.68
C ALA A 44 -14.50 23.96 37.02
N THR A 45 -15.01 23.23 38.00
CA THR A 45 -14.43 21.94 38.32
C THR A 45 -14.39 21.06 37.07
N PRO A 46 -13.29 20.37 36.81
CA PRO A 46 -13.24 19.42 35.68
C PRO A 46 -14.24 18.30 35.85
N PRO A 47 -15.05 18.01 34.83
CA PRO A 47 -16.14 17.05 35.01
C PRO A 47 -15.67 15.64 35.35
N LYS A 48 -14.56 15.21 34.78
CA LYS A 48 -14.07 13.85 35.02
C LYS A 48 -13.63 13.63 36.47
N LEU A 49 -13.38 14.69 37.22
CA LEU A 49 -12.97 14.60 38.62
C LEU A 49 -13.86 15.46 39.50
N GLU A 50 -15.16 15.50 39.17
CA GLU A 50 -16.14 16.17 40.02
C GLU A 50 -16.08 15.66 41.45
N ASP A 51 -15.71 14.38 41.64
CA ASP A 51 -15.66 13.80 42.97
C ASP A 51 -14.60 14.46 43.84
N LYS A 52 -13.45 14.81 43.27
CA LYS A 52 -12.36 15.33 44.08
C LYS A 52 -12.76 16.64 44.73
N SER A 53 -12.30 16.84 45.96
CA SER A 53 -12.64 18.03 46.72
C SER A 53 -11.95 19.27 46.16
N PRO A 54 -12.42 20.46 46.56
CA PRO A 54 -11.83 21.70 46.03
C PRO A 54 -10.34 21.81 46.28
N ASP A 55 -9.88 21.41 47.46
CA ASP A 55 -8.51 21.64 47.90
C ASP A 55 -7.58 20.46 47.62
N SER A 56 -8.06 19.43 46.94
CA SER A 56 -7.17 18.35 46.52
C SER A 56 -6.04 18.93 45.66
N PRO A 57 -4.85 18.36 45.72
CA PRO A 57 -3.72 18.93 44.96
C PRO A 57 -3.96 18.96 43.47
N GLU A 58 -4.85 18.11 42.95
CA GLU A 58 -5.13 18.13 41.53
C GLU A 58 -5.94 19.36 41.14
N MET A 59 -6.89 19.76 41.98
CA MET A 59 -7.63 21.00 41.72
C MET A 59 -6.78 22.23 41.97
N LYS A 60 -5.67 22.08 42.69
CA LYS A 60 -4.73 23.18 42.86
C LYS A 60 -3.92 23.41 41.60
N ASP A 61 -3.47 22.32 40.96
CA ASP A 61 -2.78 22.44 39.68
C ASP A 61 -3.74 22.83 38.56
N PHE A 62 -5.03 22.50 38.70
CA PHE A 62 -6.01 22.88 37.68
C PHE A 62 -6.20 24.39 37.66
N ARG A 63 -6.56 24.99 38.80
CA ARG A 63 -6.73 26.44 38.85
C ARG A 63 -5.42 27.17 38.58
N HIS A 64 -4.29 26.55 38.93
CA HIS A 64 -3.02 27.21 38.67
C HIS A 64 -2.74 27.31 37.17
N GLY A 65 -3.17 26.33 36.39
CA GLY A 65 -2.95 26.39 34.95
C GLY A 65 -3.52 27.65 34.33
N PHE A 66 -4.63 28.15 34.87
CA PHE A 66 -5.25 29.37 34.35
C PHE A 66 -4.59 30.64 34.90
N ASP A 67 -3.83 30.55 35.99
CA ASP A 67 -3.06 31.71 36.41
C ASP A 67 -1.88 31.92 35.48
N ILE A 68 -1.22 30.85 35.07
CA ILE A 68 -0.20 30.95 34.03
C ILE A 68 -0.80 31.51 32.74
N LEU A 69 -2.03 31.11 32.44
CA LEU A 69 -2.68 31.57 31.22
C LEU A 69 -2.97 33.06 31.27
N VAL A 70 -3.60 33.52 32.36
CA VAL A 70 -3.93 34.94 32.47
C VAL A 70 -2.64 35.77 32.47
N GLY A 71 -1.59 35.29 33.11
CA GLY A 71 -0.33 36.00 33.09
C GLY A 71 0.18 36.23 31.68
N GLN A 72 0.02 35.22 30.81
CA GLN A 72 0.42 35.38 29.42
C GLN A 72 -0.54 36.27 28.66
N ILE A 73 -1.84 36.18 28.98
CA ILE A 73 -2.82 37.06 28.33
C ILE A 73 -2.56 38.52 28.70
N ASP A 74 -2.10 38.78 29.93
CA ASP A 74 -1.80 40.15 30.33
C ASP A 74 -0.53 40.66 29.67
N ASP A 75 0.50 39.81 29.57
CA ASP A 75 1.72 40.22 28.90
C ASP A 75 1.45 40.62 27.45
N ALA A 76 0.54 39.89 26.79
CA ALA A 76 0.19 40.24 25.41
C ALA A 76 -0.66 41.51 25.37
N LEU A 77 -1.59 41.66 26.31
CA LEU A 77 -2.40 42.87 26.35
C LEU A 77 -1.54 44.12 26.51
N LYS A 78 -0.44 44.01 27.24
CA LYS A 78 0.47 45.14 27.38
C LYS A 78 1.04 45.56 26.04
N LEU A 79 1.52 44.59 25.26
CA LEU A 79 2.05 44.88 23.94
C LEU A 79 0.96 45.44 23.02
N ALA A 80 -0.25 44.87 23.09
CA ALA A 80 -1.34 45.34 22.24
C ALA A 80 -1.75 46.76 22.60
N ASN A 81 -1.73 47.11 23.88
CA ASN A 81 -2.06 48.47 24.28
C ASN A 81 -0.99 49.46 23.83
N GLU A 82 0.25 49.01 23.67
CA GLU A 82 1.32 49.83 23.16
C GLU A 82 1.35 49.90 21.64
N GLY A 83 0.37 49.31 20.96
CA GLY A 83 0.37 49.30 19.51
C GLY A 83 1.36 48.34 18.89
N LYS A 84 1.82 47.34 19.63
CA LYS A 84 2.78 46.36 19.14
C LYS A 84 2.00 45.10 18.75
N VAL A 85 1.34 45.18 17.58
CA VAL A 85 0.47 44.10 17.14
C VAL A 85 1.24 42.82 16.91
N LYS A 86 2.40 42.90 16.26
CA LYS A 86 3.15 41.69 15.94
C LYS A 86 3.76 41.08 17.20
N GLU A 87 4.23 41.91 18.12
CA GLU A 87 4.76 41.39 19.38
C GLU A 87 3.67 40.70 20.19
N ALA A 88 2.45 41.25 20.15
CA ALA A 88 1.35 40.61 20.86
C ALA A 88 0.99 39.28 20.22
N GLN A 89 1.00 39.20 18.89
CA GLN A 89 0.71 37.93 18.22
C GLN A 89 1.75 36.87 18.60
N ALA A 90 3.02 37.25 18.66
CA ALA A 90 4.05 36.30 19.07
C ALA A 90 3.80 35.81 20.50
N ALA A 91 3.41 36.72 21.39
CA ALA A 91 3.10 36.33 22.76
C ALA A 91 1.93 35.36 22.81
N ALA A 92 0.95 35.50 21.92
CA ALA A 92 -0.16 34.57 21.87
C ALA A 92 0.27 33.17 21.47
N GLU A 93 1.42 33.04 20.78
CA GLU A 93 1.94 31.71 20.50
C GLU A 93 2.27 30.98 21.79
N GLN A 94 2.71 31.71 22.82
CA GLN A 94 3.00 31.10 24.11
C GLN A 94 1.75 30.55 24.77
N LEU A 95 0.56 31.04 24.39
CA LEU A 95 -0.67 30.50 24.93
C LEU A 95 -0.94 29.09 24.42
N LYS A 96 -0.62 28.81 23.15
CA LYS A 96 -0.81 27.46 22.64
C LYS A 96 0.03 26.46 23.41
N THR A 97 1.17 26.90 23.96
CA THR A 97 2.00 26.00 24.75
C THR A 97 1.30 25.61 26.04
N THR A 98 0.66 26.57 26.71
CA THR A 98 -0.07 26.24 27.93
C THR A 98 -1.36 25.49 27.62
N ARG A 99 -2.03 25.83 26.51
CA ARG A 99 -3.22 25.08 26.12
C ARG A 99 -2.87 23.61 25.83
N ASN A 100 -1.72 23.35 25.21
CA ASN A 100 -1.30 21.97 25.01
C ASN A 100 -1.09 21.25 26.33
N ALA A 101 -0.63 21.96 27.36
CA ALA A 101 -0.43 21.33 28.66
C ALA A 101 -1.76 20.94 29.29
N TYR A 102 -2.83 21.69 29.01
CA TYR A 102 -4.13 21.40 29.60
C TYR A 102 -4.71 20.11 29.03
N ILE A 103 -4.66 19.95 27.70
CA ILE A 103 -5.32 18.79 27.11
C ILE A 103 -4.61 17.49 27.49
N GLN A 104 -3.31 17.55 27.80
CA GLN A 104 -2.62 16.35 28.27
C GLN A 104 -3.01 16.01 29.69
N LYS A 105 -3.07 17.02 30.56
CA LYS A 105 -3.25 16.78 31.99
C LYS A 105 -4.68 16.39 32.33
N TYR A 106 -5.66 17.02 31.69
CA TYR A 106 -7.04 16.95 32.18
C TYR A 106 -8.03 16.48 31.13
N LEU A 107 -7.78 16.74 29.84
CA LEU A 107 -8.75 16.42 28.80
C LEU A 107 -8.52 14.98 28.34
N GLY A 108 -9.46 14.11 28.68
CA GLY A 108 -9.40 12.72 28.25
C GLY A 108 -8.89 11.76 29.31
N SER A 109 -8.21 10.71 28.87
CA SER A 109 -7.76 9.67 29.79
C SER A 109 -6.74 10.17 30.81
N GLY A 110 -6.11 11.32 30.56
CA GLY A 110 -5.00 11.75 31.39
C GLY A 110 -5.39 12.20 32.79
N SER A 111 -6.66 12.53 33.03
CA SER A 111 -7.05 13.14 34.29
C SER A 111 -7.09 12.15 35.45
N CYS A 112 -7.34 10.87 35.17
CA CYS A 112 -7.41 9.88 36.25
C CYS A 112 -6.12 9.87 37.06
N PRO A 116 -1.09 5.84 34.26
CA PRO A 116 0.29 6.05 33.82
C PRO A 116 0.85 4.83 33.11
N SER A 117 2.00 4.98 32.44
CA SER A 117 2.67 3.84 31.82
C SER A 117 3.18 2.86 32.86
N ASP A 118 3.02 3.21 34.14
CA ASP A 118 3.42 2.33 35.24
C ASP A 118 2.34 1.30 35.55
N LYS A 119 1.63 0.86 34.52
CA LYS A 119 0.78 -0.33 34.56
C LYS A 119 1.35 -1.39 33.63
N HIS A 120 2.67 -1.57 33.70
CA HIS A 120 3.41 -2.36 32.72
C HIS A 120 3.44 -3.83 33.10
N LEU A 121 3.03 -4.68 32.17
CA LEU A 121 3.09 -6.12 32.33
C LEU A 121 4.22 -6.67 31.45
N ASP A 122 4.99 -7.61 32.00
CA ASP A 122 6.01 -8.26 31.20
C ASP A 122 5.40 -9.18 30.14
N ALA A 123 4.12 -9.53 30.27
CA ALA A 123 3.52 -10.49 29.36
C ALA A 123 3.35 -9.90 27.97
N ILE A 124 2.80 -8.68 27.89
CA ILE A 124 2.45 -8.12 26.59
C ILE A 124 3.61 -8.20 25.59
N PRO A 125 4.81 -7.70 25.90
CA PRO A 125 5.92 -7.89 24.93
C PRO A 125 6.16 -9.34 24.59
N ILE A 126 6.01 -10.25 25.55
CA ILE A 126 6.18 -11.68 25.26
C ILE A 126 5.09 -12.15 24.31
N LEU A 127 3.84 -11.81 24.60
CA LEU A 127 2.72 -12.24 23.76
C LEU A 127 2.82 -11.66 22.36
N TYR A 128 3.18 -10.38 22.25
CA TYR A 128 3.28 -9.76 20.94
C TYR A 128 4.27 -10.50 20.04
N TYR A 129 5.43 -10.87 20.59
CA TYR A 129 6.41 -11.60 19.79
C TYR A 129 5.94 -13.00 19.47
N ILE A 130 5.24 -13.65 20.40
CA ILE A 130 4.71 -14.99 20.14
C ILE A 130 3.79 -14.96 18.91
N ILE A 131 2.81 -14.05 18.91
CA ILE A 131 1.91 -13.93 17.77
C ILE A 131 2.68 -13.60 16.50
N PHE A 132 3.73 -12.80 16.63
CA PHE A 132 4.50 -12.38 15.46
C PHE A 132 5.05 -13.57 14.70
N VAL A 133 5.83 -14.41 15.37
CA VAL A 133 6.46 -15.53 14.67
C VAL A 133 5.42 -16.58 14.28
N ILE A 134 4.49 -16.89 15.17
CA ILE A 134 3.44 -17.85 14.83
C ILE A 134 2.69 -17.38 13.58
N GLY A 135 2.29 -16.11 13.56
CA GLY A 135 1.59 -15.60 12.39
C GLY A 135 2.48 -15.53 11.16
N PHE A 136 3.74 -15.12 11.35
CA PHE A 136 4.64 -15.02 10.21
C PHE A 136 4.97 -16.39 9.63
N LEU A 137 4.89 -17.45 10.43
CA LEU A 137 5.15 -18.79 9.91
C LEU A 137 3.96 -19.35 9.16
N VAL A 138 2.76 -19.27 9.75
CA VAL A 138 1.59 -19.81 9.06
C VAL A 138 1.33 -19.01 7.78
N ASN A 139 1.63 -17.72 7.78
CA ASN A 139 1.40 -16.90 6.60
C ASN A 139 2.51 -17.07 5.56
N ILE A 140 3.75 -17.33 5.99
CA ILE A 140 4.80 -17.62 5.02
C ILE A 140 4.58 -19.00 4.42
N VAL A 141 3.77 -19.84 5.09
CA VAL A 141 3.38 -21.12 4.52
C VAL A 141 2.30 -20.93 3.46
N VAL A 142 1.39 -19.98 3.68
CA VAL A 142 0.32 -19.73 2.72
C VAL A 142 0.89 -19.33 1.38
N VAL A 143 1.84 -18.40 1.38
CA VAL A 143 2.41 -17.92 0.13
C VAL A 143 3.31 -18.99 -0.50
N THR A 144 4.05 -19.72 0.32
CA THR A 144 4.98 -20.72 -0.21
C THR A 144 4.24 -21.93 -0.75
N LEU A 145 3.09 -22.29 -0.15
CA LEU A 145 2.29 -23.39 -0.69
C LEU A 145 2.00 -23.17 -2.18
N PHE A 146 1.78 -21.93 -2.58
CA PHE A 146 1.45 -21.63 -3.98
C PHE A 146 2.54 -22.11 -4.94
N YCM A 147 3.74 -22.33 -4.44
CA YCM A 147 4.82 -22.80 -5.27
CB YCM A 147 6.20 -22.48 -4.66
SG YCM A 147 6.57 -20.76 -4.45
CD YCM A 147 7.42 -20.66 -2.90
CE YCM A 147 8.90 -20.97 -2.98
OZ1 YCM A 147 9.30 -22.15 -3.08
NZ2 YCM A 147 9.78 -19.92 -2.94
C YCM A 147 4.72 -24.30 -5.53
O YCM A 147 5.05 -24.84 -6.59
N CYS A 148 4.23 -24.98 -4.50
CA CYS A 148 4.07 -26.43 -4.52
C CYS A 148 2.69 -26.86 -5.02
N GLN A 149 1.85 -25.88 -5.39
CA GLN A 149 0.50 -26.20 -5.84
C GLN A 149 0.50 -27.00 -7.13
N LYS A 150 -0.54 -27.81 -7.28
CA LYS A 150 -0.67 -28.75 -8.38
C LYS A 150 -1.96 -28.59 -9.18
N GLY A 151 -2.68 -27.48 -9.01
CA GLY A 151 -3.95 -27.33 -9.69
C GLY A 151 -4.25 -25.94 -10.22
N PRO A 152 -5.37 -25.82 -10.93
CA PRO A 152 -5.79 -24.52 -11.51
C PRO A 152 -6.29 -23.57 -10.44
N LYS A 153 -5.64 -22.42 -10.31
CA LYS A 153 -6.01 -21.46 -9.27
C LYS A 153 -7.17 -20.59 -9.73
N LYS A 154 -8.24 -20.56 -8.93
CA LYS A 154 -9.35 -19.64 -9.12
C LYS A 154 -9.00 -18.26 -8.54
N VAL A 155 -9.80 -17.27 -8.94
CA VAL A 155 -9.62 -15.88 -8.50
C VAL A 155 -9.56 -15.81 -6.98
N SER A 156 -10.11 -16.81 -6.29
CA SER A 156 -10.04 -16.85 -4.84
C SER A 156 -8.59 -16.80 -4.37
N SER A 157 -7.71 -17.56 -5.03
CA SER A 157 -6.31 -17.57 -4.64
C SER A 157 -5.70 -16.17 -4.69
N ILE A 158 -6.20 -15.31 -5.59
CA ILE A 158 -5.70 -13.94 -5.64
C ILE A 158 -5.98 -13.21 -4.33
N TYR A 159 -7.16 -13.43 -3.76
CA TYR A 159 -7.48 -12.82 -2.48
C TYR A 159 -6.72 -13.49 -1.33
N ILE A 160 -6.45 -14.79 -1.45
CA ILE A 160 -5.66 -15.46 -0.42
C ILE A 160 -4.25 -14.87 -0.37
N PHE A 161 -3.64 -14.67 -1.54
CA PHE A 161 -2.29 -14.11 -1.58
C PHE A 161 -2.26 -12.71 -0.98
N ASN A 162 -3.15 -11.83 -1.44
CA ASN A 162 -3.17 -10.46 -0.94
C ASN A 162 -3.50 -10.42 0.55
N LEU A 163 -4.34 -11.34 1.04
CA LEU A 163 -4.63 -11.39 2.46
C LEU A 163 -3.39 -11.77 3.26
N ALA A 164 -2.57 -12.67 2.72
CA ALA A 164 -1.37 -13.10 3.44
C ALA A 164 -0.30 -12.00 3.43
N VAL A 165 -0.14 -11.30 2.31
CA VAL A 165 0.84 -10.23 2.25
C VAL A 165 0.49 -9.13 3.25
N ALA A 166 -0.78 -8.73 3.26
CA ALA A 166 -1.24 -7.75 4.24
C ALA A 166 -1.00 -8.26 5.66
N ASP A 167 -1.36 -9.52 5.92
CA ASP A 167 -1.14 -10.10 7.23
C ASP A 167 0.34 -10.11 7.58
N LEU A 168 1.20 -10.44 6.61
CA LEU A 168 2.63 -10.46 6.87
C LEU A 168 3.16 -9.06 7.15
N LEU A 169 2.71 -8.07 6.38
CA LEU A 169 3.23 -6.71 6.55
C LEU A 169 2.76 -6.09 7.85
N LEU A 170 1.50 -6.34 8.25
CA LEU A 170 1.03 -5.80 9.52
C LEU A 170 1.64 -6.59 10.68
N LEU A 171 1.80 -7.90 10.51
CA LEU A 171 2.50 -8.68 11.53
C LEU A 171 3.95 -8.25 11.66
N ALA A 172 4.53 -7.70 10.58
CA ALA A 172 5.91 -7.27 10.61
C ALA A 172 6.12 -6.04 11.48
N THR A 173 5.06 -5.32 11.81
CA THR A 173 5.16 -4.16 12.68
C THR A 173 5.00 -4.51 14.16
N LEU A 174 4.67 -5.76 14.47
CA LEU A 174 4.54 -6.14 15.87
C LEU A 174 5.82 -5.88 16.67
N PRO A 175 7.01 -6.21 16.18
CA PRO A 175 8.22 -5.89 16.96
C PRO A 175 8.34 -4.42 17.30
N LEU A 176 7.86 -3.52 16.44
CA LEU A 176 7.89 -2.10 16.76
C LEU A 176 7.05 -1.79 17.99
N TRP A 177 5.84 -2.38 18.08
CA TRP A 177 4.96 -2.09 19.20
C TRP A 177 5.37 -2.81 20.48
N ALA A 178 6.01 -3.97 20.35
CA ALA A 178 6.53 -4.66 21.54
C ALA A 178 7.66 -3.86 22.18
N THR A 179 8.59 -3.37 21.36
CA THR A 179 9.64 -2.51 21.89
C THR A 179 9.08 -1.18 22.37
N TYR A 180 8.10 -0.64 21.64
CA TYR A 180 7.45 0.60 22.04
C TYR A 180 6.76 0.45 23.40
N TYR A 181 6.21 -0.74 23.69
CA TYR A 181 5.58 -0.96 24.98
C TYR A 181 6.63 -1.23 26.06
N SER A 182 7.67 -1.99 25.74
CA SER A 182 8.68 -2.32 26.74
C SER A 182 9.41 -1.08 27.22
N TYR A 183 9.54 -0.06 26.37
CA TYR A 183 10.14 1.21 26.75
C TYR A 183 9.10 2.21 27.26
N ARG A 184 7.96 1.73 27.74
CA ARG A 184 6.92 2.55 28.35
C ARG A 184 6.55 3.73 27.44
N TYR A 185 6.11 3.39 26.23
CA TYR A 185 5.59 4.36 25.28
C TYR A 185 6.56 5.51 25.06
N ASP A 186 7.82 5.16 24.80
CA ASP A 186 8.88 6.11 24.48
C ASP A 186 9.44 5.70 23.12
N TRP A 187 9.03 6.40 22.06
CA TRP A 187 9.44 6.03 20.72
C TRP A 187 10.91 6.35 20.53
N LEU A 188 11.67 5.35 20.05
CA LEU A 188 13.10 5.48 19.86
C LEU A 188 13.52 5.42 18.40
N PHE A 189 12.64 5.01 17.50
CA PHE A 189 12.99 4.78 16.11
C PHE A 189 13.02 6.06 15.27
N GLY A 190 12.53 7.17 15.81
CA GLY A 190 12.54 8.43 15.10
C GLY A 190 11.14 8.91 14.75
N PRO A 191 11.00 10.19 14.43
CA PRO A 191 9.67 10.73 14.12
C PRO A 191 9.14 10.29 12.76
N VAL A 192 10.01 9.94 11.83
CA VAL A 192 9.55 9.51 10.50
C VAL A 192 8.98 8.11 10.56
N MET A 193 9.59 7.23 11.36
CA MET A 193 9.08 5.85 11.46
C MET A 193 7.78 5.76 12.23
N CYS A 194 7.44 6.77 13.04
CA CYS A 194 6.14 6.76 13.72
C CYS A 194 5.02 7.05 12.73
N LYS A 195 5.17 8.09 11.91
CA LYS A 195 4.15 8.40 10.91
C LYS A 195 4.09 7.32 9.84
N VAL A 196 5.25 6.77 9.44
CA VAL A 196 5.32 5.78 8.39
C VAL A 196 4.73 4.46 8.88
N PHE A 197 5.45 3.77 9.77
CA PHE A 197 5.01 2.46 10.23
C PHE A 197 3.72 2.51 11.04
N GLY A 198 3.26 3.71 11.42
CA GLY A 198 1.97 3.85 12.06
C GLY A 198 0.85 3.74 11.05
N SER A 199 1.03 4.40 9.90
CA SER A 199 0.07 4.29 8.82
C SER A 199 0.20 2.97 8.10
N PHE A 200 1.43 2.47 7.95
CA PHE A 200 1.64 1.18 7.31
C PHE A 200 0.87 0.08 8.01
N LEU A 201 0.74 0.18 9.34
CA LEU A 201 -0.09 -0.78 10.07
C LEU A 201 -1.56 -0.63 9.67
N THR A 202 -2.11 0.58 9.82
CA THR A 202 -3.51 0.81 9.47
C THR A 202 -3.78 0.43 8.02
N LEU A 203 -2.81 0.68 7.14
CA LEU A 203 -2.98 0.36 5.73
C LEU A 203 -3.22 -1.13 5.52
N ASN A 204 -2.26 -1.96 5.96
CA ASN A 204 -2.37 -3.40 5.75
C ASN A 204 -3.48 -4.03 6.57
N MET A 205 -3.89 -3.40 7.68
CA MET A 205 -4.96 -3.99 8.49
C MET A 205 -6.32 -3.74 7.86
N PHE A 206 -6.57 -2.55 7.34
CA PHE A 206 -7.79 -2.32 6.56
C PHE A 206 -7.81 -3.23 5.34
N ALA A 207 -6.68 -3.34 4.63
CA ALA A 207 -6.59 -4.26 3.50
C ALA A 207 -6.92 -5.68 3.95
N SER A 208 -6.37 -6.10 5.10
CA SER A 208 -6.66 -7.43 5.60
C SER A 208 -8.15 -7.62 5.87
N ILE A 209 -8.81 -6.59 6.43
CA ILE A 209 -10.23 -6.70 6.72
C ILE A 209 -11.04 -6.59 5.44
N PHE A 210 -10.60 -5.74 4.50
CA PHE A 210 -11.33 -5.60 3.24
C PHE A 210 -11.21 -6.85 2.39
N PHE A 211 -10.08 -7.54 2.42
CA PHE A 211 -9.94 -8.77 1.65
C PHE A 211 -10.70 -9.93 2.28
N ILE A 212 -10.79 -9.97 3.61
CA ILE A 212 -11.66 -10.94 4.27
C ILE A 212 -13.09 -10.79 3.76
N THR A 213 -13.51 -9.55 3.50
CA THR A 213 -14.85 -9.33 2.97
C THR A 213 -14.96 -9.82 1.54
N CYS A 214 -13.94 -9.56 0.71
CA CYS A 214 -13.94 -10.07 -0.64
C CYS A 214 -14.04 -11.59 -0.66
N MET A 215 -13.42 -12.25 0.33
CA MET A 215 -13.50 -13.70 0.41
C MET A 215 -14.92 -14.18 0.74
N SER A 216 -15.58 -13.49 1.67
CA SER A 216 -16.93 -13.89 2.04
C SER A 216 -17.91 -13.64 0.91
N VAL A 217 -17.69 -12.61 0.11
CA VAL A 217 -18.54 -12.37 -1.05
C VAL A 217 -18.28 -13.42 -2.12
N ASP A 218 -17.00 -13.75 -2.35
CA ASP A 218 -16.66 -14.74 -3.37
C ASP A 218 -17.23 -16.11 -3.01
N ARG A 219 -17.13 -16.51 -1.74
CA ARG A 219 -17.69 -17.80 -1.34
C ARG A 219 -19.21 -17.81 -1.44
N TYR A 220 -19.87 -16.70 -1.09
CA TYR A 220 -21.31 -16.63 -1.28
C TYR A 220 -21.66 -16.72 -2.76
N GLN A 221 -20.84 -16.10 -3.62
CA GLN A 221 -21.03 -16.24 -5.06
C GLN A 221 -20.83 -17.68 -5.50
N SER A 222 -19.91 -18.40 -4.86
CA SER A 222 -19.62 -19.77 -5.26
C SER A 222 -20.80 -20.70 -4.97
N VAL A 223 -21.56 -20.43 -3.91
CA VAL A 223 -22.65 -21.32 -3.54
C VAL A 223 -23.90 -21.03 -4.39
N ILE A 224 -24.22 -19.76 -4.58
CA ILE A 224 -25.42 -19.41 -5.35
C ILE A 224 -25.23 -19.73 -6.82
N TYR A 225 -24.00 -19.63 -7.32
CA TYR A 225 -23.68 -19.82 -8.75
C TYR A 225 -22.58 -20.86 -8.85
N PRO A 226 -22.92 -22.14 -9.03
CA PRO A 226 -21.86 -23.17 -9.07
C PRO A 226 -20.85 -22.98 -10.20
N PHE A 227 -21.30 -22.54 -11.38
CA PHE A 227 -20.39 -22.38 -12.52
C PHE A 227 -19.68 -21.03 -12.45
N LEU A 228 -19.09 -20.70 -11.29
CA LEU A 228 -18.58 -19.35 -11.10
C LEU A 228 -17.30 -19.06 -11.88
N SER A 229 -16.49 -20.08 -12.20
CA SER A 229 -15.25 -19.80 -12.91
C SER A 229 -15.53 -19.21 -14.30
N GLN A 230 -16.47 -19.81 -15.04
CA GLN A 230 -16.88 -19.24 -16.32
C GLN A 230 -17.75 -18.02 -16.13
N ARG A 231 -18.59 -18.03 -15.08
CA ARG A 231 -19.49 -16.91 -14.79
C ARG A 231 -18.73 -15.65 -14.44
N ARG A 232 -17.44 -15.76 -14.17
CA ARG A 232 -16.67 -14.61 -13.72
C ARG A 232 -16.32 -13.72 -14.90
N ASN A 233 -15.84 -12.53 -14.60
CA ASN A 233 -15.32 -11.64 -15.61
C ASN A 233 -13.81 -11.63 -15.45
N PRO A 234 -13.04 -11.92 -16.50
CA PRO A 234 -11.59 -12.04 -16.30
C PRO A 234 -10.96 -10.81 -15.70
N TRP A 235 -11.51 -9.63 -15.98
CA TRP A 235 -10.93 -8.39 -15.51
C TRP A 235 -11.31 -8.07 -14.05
N GLN A 236 -12.28 -8.76 -13.48
CA GLN A 236 -12.79 -8.39 -12.17
C GLN A 236 -11.68 -8.36 -11.12
N ALA A 237 -10.87 -9.42 -11.07
CA ALA A 237 -9.80 -9.47 -10.08
C ALA A 237 -8.78 -8.37 -10.35
N SER A 238 -8.57 -8.00 -11.62
CA SER A 238 -7.65 -6.93 -11.96
C SER A 238 -8.16 -5.58 -11.46
N TYR A 239 -9.47 -5.45 -11.26
CA TYR A 239 -10.08 -4.22 -10.76
C TYR A 239 -10.28 -4.26 -9.25
N ILE A 240 -10.69 -5.41 -8.70
CA ILE A 240 -11.00 -5.49 -7.28
C ILE A 240 -9.73 -5.31 -6.45
N VAL A 241 -8.64 -5.95 -6.86
CA VAL A 241 -7.41 -5.90 -6.06
C VAL A 241 -6.90 -4.47 -5.93
N PRO A 242 -6.70 -3.71 -7.02
CA PRO A 242 -6.30 -2.30 -6.84
C PRO A 242 -7.29 -1.51 -6.01
N LEU A 243 -8.60 -1.77 -6.17
CA LEU A 243 -9.60 -1.01 -5.44
C LEU A 243 -9.45 -1.21 -3.93
N VAL A 244 -9.18 -2.44 -3.50
CA VAL A 244 -9.09 -2.73 -2.07
C VAL A 244 -7.94 -1.94 -1.44
N TRP A 245 -6.74 -2.04 -2.04
CA TRP A 245 -5.60 -1.33 -1.49
C TRP A 245 -5.82 0.19 -1.47
N CYS A 246 -6.53 0.72 -2.47
CA CYS A 246 -6.81 2.16 -2.47
C CYS A 246 -7.78 2.53 -1.36
N MET A 247 -8.84 1.73 -1.17
CA MET A 247 -9.76 1.98 -0.06
C MET A 247 -9.02 1.91 1.27
N ALA A 248 -8.14 0.92 1.43
CA ALA A 248 -7.33 0.85 2.64
C ALA A 248 -6.41 2.06 2.75
N CYS A 249 -5.84 2.50 1.62
CA CYS A 249 -5.01 3.70 1.63
C CYS A 249 -5.80 4.92 2.09
N LEU A 250 -6.98 5.13 1.51
CA LEU A 250 -7.80 6.26 1.91
C LEU A 250 -8.23 6.15 3.37
N SER A 251 -8.48 4.93 3.85
CA SER A 251 -8.93 4.77 5.23
C SER A 251 -7.83 5.10 6.22
N SER A 252 -6.57 4.95 5.83
CA SER A 252 -5.43 5.23 6.71
C SER A 252 -4.84 6.62 6.49
N LEU A 253 -5.45 7.43 5.62
CA LEU A 253 -4.95 8.78 5.40
C LEU A 253 -4.96 9.63 6.66
N PRO A 254 -6.02 9.64 7.47
CA PRO A 254 -5.96 10.39 8.74
C PRO A 254 -4.75 10.05 9.58
N THR A 255 -4.35 8.78 9.60
CA THR A 255 -3.16 8.40 10.37
C THR A 255 -1.91 9.07 9.81
N PHE A 256 -1.78 9.14 8.48
CA PHE A 256 -0.59 9.73 7.91
C PHE A 256 -0.53 11.23 8.12
N TYR A 257 -1.68 11.90 8.16
CA TYR A 257 -1.66 13.35 8.36
C TYR A 257 -1.31 13.72 9.79
N PHE A 258 -1.77 12.92 10.76
CA PHE A 258 -1.65 13.27 12.17
C PHE A 258 -0.64 12.43 12.94
N ARG A 259 -0.48 11.14 12.62
CA ARG A 259 0.43 10.29 13.36
C ARG A 259 1.82 10.92 13.37
N ASP A 260 2.27 11.34 14.55
CA ASP A 260 3.59 11.96 14.68
C ASP A 260 4.00 11.91 16.14
N VAL A 261 5.31 12.03 16.36
CA VAL A 261 5.88 11.95 17.71
C VAL A 261 5.64 13.25 18.44
N ARG A 262 5.16 13.15 19.68
CA ARG A 262 4.96 14.30 20.54
C ARG A 262 5.50 13.96 21.92
N THR A 263 6.06 14.97 22.59
CA THR A 263 6.65 14.78 23.90
C THR A 263 5.59 14.86 24.98
N ILE A 264 5.47 13.79 25.78
CA ILE A 264 4.61 13.79 26.95
C ILE A 264 5.49 14.21 28.12
N GLU A 265 5.24 15.42 28.64
CA GLU A 265 6.16 16.00 29.62
C GLU A 265 6.07 15.31 30.96
N TYR A 266 4.85 15.14 31.49
CA TYR A 266 4.70 14.55 32.81
C TYR A 266 5.21 13.11 32.85
N LEU A 267 5.25 12.43 31.70
CA LEU A 267 5.84 11.10 31.62
C LEU A 267 7.29 11.14 31.18
N GLY A 268 7.74 12.25 30.58
CA GLY A 268 9.13 12.37 30.18
C GLY A 268 9.52 11.48 29.01
N VAL A 269 8.56 11.14 28.14
CA VAL A 269 8.81 10.24 27.02
C VAL A 269 8.27 10.85 25.74
N ASN A 270 8.82 10.37 24.62
CA ASN A 270 8.41 10.77 23.28
C ASN A 270 7.46 9.71 22.76
N ALA A 271 6.18 10.03 22.69
CA ALA A 271 5.17 9.05 22.31
C ALA A 271 4.78 9.20 20.85
N CYS A 272 4.41 8.07 20.24
CA CYS A 272 3.91 8.01 18.86
C CYS A 272 2.38 8.02 18.93
N ILE A 273 1.79 9.21 18.78
CA ILE A 273 0.36 9.41 19.00
C ILE A 273 -0.24 10.13 17.80
N MET A 274 -1.57 10.26 17.82
CA MET A 274 -2.30 11.01 16.81
C MET A 274 -2.31 12.48 17.20
N ALA A 275 -1.51 13.29 16.49
CA ALA A 275 -1.34 14.70 16.82
C ALA A 275 -2.46 15.51 16.18
N PHE A 276 -3.64 15.44 16.79
CA PHE A 276 -4.77 16.21 16.30
C PHE A 276 -4.59 17.68 16.65
N PRO A 277 -5.26 18.58 15.93
CA PRO A 277 -5.27 20.00 16.33
C PRO A 277 -5.75 20.15 17.76
N PRO A 278 -4.94 20.69 18.66
CA PRO A 278 -5.35 20.72 20.08
C PRO A 278 -6.68 21.39 20.31
N GLU A 279 -7.07 22.36 19.48
CA GLU A 279 -8.35 23.04 19.69
C GLU A 279 -9.55 22.10 19.51
N LYS A 280 -9.37 21.00 18.78
CA LYS A 280 -10.44 20.04 18.55
C LYS A 280 -9.95 18.60 18.78
N TYR A 281 -9.14 18.41 19.82
CA TYR A 281 -8.56 17.08 20.05
C TYR A 281 -9.62 16.07 20.45
N ALA A 282 -10.53 16.44 21.36
CA ALA A 282 -11.55 15.50 21.82
C ALA A 282 -12.50 15.13 20.69
N GLN A 283 -12.86 16.10 19.85
CA GLN A 283 -13.81 15.82 18.76
C GLN A 283 -13.21 14.89 17.73
N TRP A 284 -11.91 15.05 17.42
CA TRP A 284 -11.26 14.16 16.47
C TRP A 284 -11.14 12.75 17.02
N SER A 285 -10.64 12.62 18.25
CA SER A 285 -10.51 11.30 18.86
C SER A 285 -11.83 10.55 18.84
N ALA A 286 -12.93 11.25 19.15
CA ALA A 286 -14.24 10.61 19.11
C ALA A 286 -14.63 10.27 17.68
N GLY A 287 -14.37 11.19 16.74
CA GLY A 287 -14.76 10.96 15.37
C GLY A 287 -13.93 9.87 14.71
N ILE A 288 -12.62 9.89 14.93
CA ILE A 288 -11.76 8.88 14.33
C ILE A 288 -12.05 7.50 14.93
N ALA A 289 -12.39 7.46 16.22
CA ALA A 289 -12.72 6.18 16.84
C ALA A 289 -13.97 5.57 16.23
N LEU A 290 -14.95 6.41 15.90
CA LEU A 290 -16.19 5.90 15.34
C LEU A 290 -16.01 5.41 13.90
N MET A 291 -15.10 6.03 13.15
CA MET A 291 -14.82 5.55 11.80
C MET A 291 -14.04 4.24 11.83
N LYS A 292 -13.36 3.94 12.93
CA LYS A 292 -12.73 2.63 13.09
C LYS A 292 -13.78 1.53 13.24
N ASN A 293 -14.84 1.78 14.00
CA ASN A 293 -15.89 0.79 14.16
C ASN A 293 -16.62 0.57 12.85
N ILE A 294 -16.98 1.65 12.16
CA ILE A 294 -17.79 1.55 10.95
C ILE A 294 -17.00 0.87 9.84
N LEU A 295 -15.89 1.47 9.42
CA LEU A 295 -15.13 0.94 8.31
C LEU A 295 -14.44 -0.38 8.65
N GLY A 296 -14.15 -0.62 9.93
CA GLY A 296 -13.32 -1.76 10.30
C GLY A 296 -14.05 -2.92 10.91
N PHE A 297 -15.34 -2.76 11.22
CA PHE A 297 -16.10 -3.83 11.86
C PHE A 297 -17.54 -3.86 11.37
N ILE A 298 -18.28 -2.79 11.60
CA ILE A 298 -19.71 -2.75 11.29
C ILE A 298 -19.91 -3.11 9.83
N ILE A 299 -19.45 -2.24 8.94
CA ILE A 299 -19.62 -2.48 7.50
C ILE A 299 -19.03 -3.82 7.10
N PRO A 300 -17.77 -4.16 7.43
CA PRO A 300 -17.29 -5.52 7.14
C PRO A 300 -18.22 -6.61 7.63
N LEU A 301 -18.60 -6.57 8.92
CA LEU A 301 -19.43 -7.63 9.48
C LEU A 301 -20.79 -7.73 8.79
N ILE A 302 -21.27 -6.65 8.18
CA ILE A 302 -22.52 -6.72 7.43
C ILE A 302 -22.37 -7.65 6.24
N PHE A 303 -21.18 -7.69 5.64
CA PHE A 303 -20.94 -8.56 4.50
C PHE A 303 -20.78 -10.02 4.94
N ILE A 304 -19.87 -10.27 5.87
CA ILE A 304 -19.64 -11.64 6.32
C ILE A 304 -20.93 -12.26 6.86
N ALA A 305 -21.70 -11.50 7.63
CA ALA A 305 -22.95 -12.01 8.17
C ALA A 305 -23.95 -12.31 7.05
N THR A 306 -24.16 -11.35 6.15
CA THR A 306 -25.08 -11.56 5.05
C THR A 306 -24.64 -12.72 4.17
N CYS A 307 -23.33 -12.81 3.88
CA CYS A 307 -22.84 -13.91 3.06
C CYS A 307 -23.04 -15.26 3.74
N TYR A 308 -22.80 -15.32 5.05
CA TYR A 308 -22.97 -16.59 5.75
C TYR A 308 -24.43 -17.03 5.74
N PHE A 309 -25.33 -16.19 6.24
CA PHE A 309 -26.74 -16.55 6.28
C PHE A 309 -27.31 -16.71 4.88
N GLY A 310 -26.71 -16.06 3.88
CA GLY A 310 -27.11 -16.32 2.51
C GLY A 310 -26.67 -17.69 2.03
N ILE A 311 -25.49 -18.13 2.47
CA ILE A 311 -25.04 -19.48 2.19
C ILE A 311 -25.89 -20.49 2.96
N ARG A 312 -26.24 -20.16 4.21
CA ARG A 312 -26.95 -21.11 5.05
C ARG A 312 -28.30 -21.49 4.47
N LYS A 313 -29.06 -20.51 3.97
CA LYS A 313 -30.38 -20.83 3.44
C LYS A 313 -30.27 -21.59 2.12
N HIS A 314 -29.28 -21.24 1.29
CA HIS A 314 -29.11 -21.93 0.02
C HIS A 314 -28.81 -23.41 0.25
N LEU A 315 -27.90 -23.71 1.19
CA LEU A 315 -27.58 -25.10 1.47
C LEU A 315 -28.79 -25.83 2.03
N LEU A 316 -29.62 -25.14 2.81
CA LEU A 316 -30.82 -25.73 3.38
C LEU A 316 -31.91 -25.89 2.32
N LYS A 317 -31.77 -25.22 1.18
CA LYS A 317 -32.77 -25.26 0.12
C LYS A 317 -32.54 -26.36 -0.91
N THR A 318 -31.35 -26.98 -0.95
CA THR A 318 -31.06 -27.91 -2.03
C THR A 318 -31.71 -29.28 -1.81
N ASN A 319 -31.49 -29.89 -0.65
CA ASN A 319 -31.89 -31.27 -0.44
C ASN A 319 -31.94 -31.55 1.06
N SER A 320 -32.24 -32.81 1.41
CA SER A 320 -32.34 -33.22 2.80
C SER A 320 -31.77 -34.62 3.04
N TYR A 321 -30.94 -35.14 2.14
CA TYR A 321 -30.40 -36.48 2.30
C TYR A 321 -29.66 -36.61 3.63
N GLY A 322 -29.58 -37.84 4.13
CA GLY A 322 -28.84 -38.08 5.35
C GLY A 322 -27.34 -37.99 5.15
N LYS A 323 -26.86 -38.43 3.99
CA LYS A 323 -25.44 -38.33 3.68
C LYS A 323 -25.10 -36.91 3.21
N ASN A 324 -25.89 -36.36 2.29
CA ASN A 324 -25.64 -34.99 1.85
C ASN A 324 -25.66 -34.02 3.03
N ARG A 325 -26.30 -34.40 4.13
CA ARG A 325 -26.26 -33.59 5.33
C ARG A 325 -24.82 -33.40 5.78
N ILE A 326 -24.03 -34.49 5.72
CA ILE A 326 -22.63 -34.45 6.12
C ILE A 326 -21.85 -33.49 5.23
N THR A 327 -22.05 -33.58 3.92
CA THR A 327 -21.32 -32.70 3.01
C THR A 327 -21.78 -31.26 3.13
N ARG A 328 -23.07 -31.03 3.39
CA ARG A 328 -23.56 -29.66 3.53
C ARG A 328 -23.21 -29.08 4.89
N ASP A 329 -23.20 -29.88 5.94
CA ASP A 329 -22.84 -29.37 7.27
C ASP A 329 -21.36 -28.97 7.32
N GLN A 330 -20.49 -29.73 6.65
CA GLN A 330 -19.08 -29.35 6.64
C GLN A 330 -18.87 -28.02 5.94
N VAL A 331 -19.71 -27.71 4.95
CA VAL A 331 -19.62 -26.39 4.31
C VAL A 331 -20.11 -25.31 5.28
N LEU A 332 -21.23 -25.56 5.95
CA LEU A 332 -21.72 -24.62 6.95
C LEU A 332 -20.70 -24.43 8.07
N LYS A 333 -20.08 -25.52 8.51
CA LYS A 333 -19.04 -25.41 9.54
C LYS A 333 -17.92 -24.48 9.09
N MET A 334 -17.52 -24.57 7.82
CA MET A 334 -16.43 -23.74 7.31
C MET A 334 -16.91 -22.31 7.07
N ALA A 335 -18.17 -22.12 6.70
CA ALA A 335 -18.71 -20.77 6.54
C ALA A 335 -18.97 -20.12 7.88
N ALA A 336 -19.32 -20.92 8.89
CA ALA A 336 -19.56 -20.39 10.23
C ALA A 336 -18.27 -20.08 10.98
N ALA A 337 -17.12 -20.55 10.49
CA ALA A 337 -15.86 -20.28 11.17
C ALA A 337 -15.34 -18.88 10.86
N VAL A 338 -15.39 -18.47 9.60
CA VAL A 338 -14.92 -17.14 9.23
C VAL A 338 -15.72 -16.07 9.95
N VAL A 339 -17.03 -16.26 10.08
CA VAL A 339 -17.86 -15.25 10.72
C VAL A 339 -17.62 -15.22 12.22
N LEU A 340 -17.40 -16.39 12.83
CA LEU A 340 -17.14 -16.43 14.27
C LEU A 340 -15.71 -15.98 14.59
N ALA A 341 -14.73 -16.42 13.80
CA ALA A 341 -13.35 -16.00 14.03
C ALA A 341 -13.18 -14.50 13.87
N PHE A 342 -14.04 -13.84 13.09
CA PHE A 342 -13.91 -12.41 12.91
C PHE A 342 -14.42 -11.64 14.13
N ILE A 343 -15.56 -12.05 14.69
CA ILE A 343 -16.10 -11.33 15.83
C ILE A 343 -15.32 -11.66 17.10
N ILE A 344 -14.81 -12.88 17.22
CA ILE A 344 -14.05 -13.25 18.41
C ILE A 344 -12.77 -12.43 18.49
N CYS A 345 -12.15 -12.17 17.33
CA CYS A 345 -10.87 -11.47 17.31
C CYS A 345 -11.04 -9.95 17.34
N TRP A 346 -12.09 -9.43 16.74
CA TRP A 346 -12.23 -7.99 16.54
C TRP A 346 -13.28 -7.33 17.42
N LEU A 347 -14.31 -8.05 17.85
CA LEU A 347 -15.31 -7.42 18.72
C LEU A 347 -14.70 -6.88 20.01
N PRO A 348 -13.71 -7.54 20.63
CA PRO A 348 -13.12 -6.95 21.85
C PRO A 348 -12.51 -5.57 21.61
N PHE A 349 -11.68 -5.42 20.58
CA PHE A 349 -11.05 -4.14 20.33
C PHE A 349 -12.07 -3.06 20.01
N HIS A 350 -13.07 -3.38 19.20
CA HIS A 350 -14.01 -2.37 18.74
C HIS A 350 -14.97 -1.94 19.84
N VAL A 351 -15.29 -2.84 20.77
CA VAL A 351 -16.09 -2.45 21.92
C VAL A 351 -15.33 -1.43 22.76
N LEU A 352 -14.06 -1.72 23.04
CA LEU A 352 -13.24 -0.76 23.79
C LEU A 352 -13.07 0.52 23.00
N THR A 353 -12.92 0.42 21.68
CA THR A 353 -12.80 1.63 20.87
C THR A 353 -14.07 2.46 20.95
N PHE A 354 -15.24 1.82 20.89
CA PHE A 354 -16.49 2.55 21.01
C PHE A 354 -16.63 3.20 22.37
N LEU A 355 -16.25 2.48 23.44
CA LEU A 355 -16.32 3.04 24.78
C LEU A 355 -15.38 4.22 24.92
N ASP A 356 -14.14 4.08 24.44
CA ASP A 356 -13.21 5.20 24.45
C ASP A 356 -13.81 6.40 23.74
N ALA A 357 -14.53 6.16 22.64
CA ALA A 357 -15.21 7.26 21.95
C ALA A 357 -16.27 7.89 22.85
N LEU A 358 -17.02 7.06 23.58
CA LEU A 358 -17.99 7.60 24.53
C LEU A 358 -17.31 8.38 25.65
N ALA A 359 -16.04 8.11 25.91
CA ALA A 359 -15.30 8.90 26.89
C ALA A 359 -14.99 10.29 26.34
N TRP A 360 -14.38 10.36 25.16
CA TRP A 360 -14.07 11.65 24.56
C TRP A 360 -15.34 12.48 24.37
N MET A 361 -16.49 11.83 24.22
CA MET A 361 -17.75 12.55 24.07
C MET A 361 -18.35 12.97 25.40
N GLY A 362 -17.81 12.50 26.53
CA GLY A 362 -18.29 12.91 27.82
C GLY A 362 -19.37 12.03 28.40
N VAL A 363 -19.60 10.84 27.84
CA VAL A 363 -20.63 9.95 28.36
C VAL A 363 -20.10 9.13 29.52
N ILE A 364 -18.89 8.59 29.37
CA ILE A 364 -18.26 7.75 30.38
C ILE A 364 -17.22 8.59 31.11
N ASN A 365 -17.59 9.09 32.29
CA ASN A 365 -16.68 9.86 33.12
C ASN A 365 -16.10 9.04 34.27
N SER A 366 -16.45 7.77 34.37
CA SER A 366 -15.94 6.90 35.42
C SER A 366 -14.48 6.56 35.17
N CYS A 367 -13.61 6.89 36.13
CA CYS A 367 -12.19 6.56 35.97
C CYS A 367 -11.95 5.06 36.08
N GLU A 368 -12.72 4.34 36.90
CA GLU A 368 -12.53 2.91 36.99
C GLU A 368 -12.82 2.23 35.65
N VAL A 369 -13.81 2.74 34.91
CA VAL A 369 -14.10 2.17 33.59
C VAL A 369 -12.98 2.53 32.62
N ILE A 370 -12.57 3.79 32.61
CA ILE A 370 -11.50 4.22 31.71
C ILE A 370 -10.21 3.48 32.01
N ALA A 371 -9.97 3.17 33.28
CA ALA A 371 -8.79 2.39 33.63
C ALA A 371 -8.86 0.98 33.05
N VAL A 372 -10.03 0.35 33.13
CA VAL A 372 -10.20 -0.98 32.55
C VAL A 372 -9.97 -0.92 31.04
N ILE A 373 -10.54 0.08 30.38
CA ILE A 373 -10.35 0.22 28.93
C ILE A 373 -8.86 0.31 28.61
N ASP A 374 -8.12 1.14 29.35
CA ASP A 374 -6.70 1.32 29.09
C ASP A 374 -5.92 0.06 29.41
N LEU A 375 -6.35 -0.71 30.41
CA LEU A 375 -5.65 -1.93 30.79
C LEU A 375 -5.92 -3.05 29.80
N ALA A 376 -7.12 -3.08 29.21
CA ALA A 376 -7.51 -4.13 28.30
C ALA A 376 -7.21 -3.79 26.84
N LEU A 377 -6.84 -2.55 26.54
CA LEU A 377 -6.61 -2.17 25.15
C LEU A 377 -5.46 -2.95 24.51
N PRO A 378 -4.31 -3.14 25.15
CA PRO A 378 -3.22 -3.88 24.49
C PRO A 378 -3.59 -5.33 24.19
N PHE A 379 -4.42 -5.95 25.02
CA PHE A 379 -4.83 -7.33 24.77
C PHE A 379 -5.84 -7.40 23.63
N ALA A 380 -6.78 -6.45 23.60
CA ALA A 380 -7.74 -6.42 22.50
C ALA A 380 -7.03 -6.11 21.19
N ILE A 381 -6.03 -5.25 21.23
CA ILE A 381 -5.24 -4.95 20.03
C ILE A 381 -4.49 -6.19 19.57
N LEU A 382 -4.17 -7.10 20.49
CA LEU A 382 -3.45 -8.31 20.11
C LEU A 382 -4.36 -9.32 19.43
N LEU A 383 -5.63 -9.41 19.86
CA LEU A 383 -6.56 -10.31 19.17
C LEU A 383 -6.77 -9.89 17.73
N GLY A 384 -6.73 -8.59 17.43
CA GLY A 384 -6.79 -8.16 16.05
C GLY A 384 -5.66 -8.73 15.23
N PHE A 385 -4.43 -8.65 15.75
CA PHE A 385 -3.30 -9.29 15.10
C PHE A 385 -3.47 -10.80 15.02
N THR A 386 -4.19 -11.39 16.00
CA THR A 386 -4.33 -12.84 16.03
C THR A 386 -5.16 -13.36 14.87
N ASN A 387 -6.16 -12.59 14.42
CA ASN A 387 -6.94 -13.03 13.27
C ASN A 387 -6.06 -13.21 12.04
N SER A 388 -4.91 -12.55 12.00
CA SER A 388 -3.93 -12.80 10.94
C SER A 388 -3.29 -14.16 11.10
N CYS A 389 -3.29 -14.73 12.30
CA CYS A 389 -2.84 -16.09 12.52
C CYS A 389 -3.93 -17.10 12.22
N VAL A 390 -5.19 -16.69 12.30
CA VAL A 390 -6.32 -17.58 12.03
C VAL A 390 -6.71 -17.59 10.55
N ASN A 391 -6.40 -16.52 9.81
CA ASN A 391 -6.76 -16.47 8.40
C ASN A 391 -6.20 -17.63 7.60
N PRO A 392 -4.94 -18.03 7.76
CA PRO A 392 -4.45 -19.21 7.02
C PRO A 392 -5.32 -20.44 7.21
N PHE A 393 -5.77 -20.69 8.44
CA PHE A 393 -6.61 -21.86 8.69
C PHE A 393 -8.01 -21.69 8.10
N LEU A 394 -8.48 -20.46 7.95
CA LEU A 394 -9.87 -20.24 7.57
C LEU A 394 -10.09 -20.36 6.07
N TYR A 395 -9.07 -20.06 5.26
CA TYR A 395 -9.24 -19.99 3.82
C TYR A 395 -8.28 -20.92 3.08
N YCM A 396 -6.98 -20.62 3.13
CA YCM A 396 -6.01 -21.40 2.41
CB YCM A 396 -4.59 -20.88 2.65
SG YCM A 396 -3.30 -21.87 1.96
CD YCM A 396 -2.90 -21.12 0.40
CE YCM A 396 -3.25 -21.97 -0.80
OZ1 YCM A 396 -4.37 -21.83 -1.34
NZ2 YCM A 396 -2.33 -22.86 -1.27
C YCM A 396 -6.03 -22.89 2.72
O YCM A 396 -6.26 -23.74 1.85
N PHE A 397 -5.80 -23.22 3.99
CA PHE A 397 -5.69 -24.61 4.41
C PHE A 397 -6.97 -25.40 4.17
N VAL A 398 -8.12 -24.75 4.29
CA VAL A 398 -9.40 -25.38 4.00
C VAL A 398 -9.95 -24.96 2.64
N GLY A 399 -9.10 -24.39 1.78
CA GLY A 399 -9.57 -23.96 0.48
C GLY A 399 -9.83 -25.12 -0.47
N ASN A 400 -8.99 -26.16 -0.43
CA ASN A 400 -9.22 -27.31 -1.29
C ASN A 400 -10.47 -28.09 -0.86
N ARG A 401 -10.74 -28.15 0.45
CA ARG A 401 -11.90 -28.89 0.93
C ARG A 401 -13.19 -28.14 0.66
N PHE A 402 -13.15 -26.81 0.54
CA PHE A 402 -14.36 -26.05 0.26
C PHE A 402 -14.85 -26.30 -1.17
N GLN A 403 -13.97 -26.06 -2.15
CA GLN A 403 -14.37 -26.21 -3.55
C GLN A 403 -14.85 -27.62 -3.85
N GLN A 404 -14.24 -28.63 -3.23
CA GLN A 404 -14.61 -30.01 -3.51
C GLN A 404 -16.01 -30.33 -3.01
N LYS A 405 -16.36 -29.85 -1.82
CA LYS A 405 -17.65 -30.20 -1.23
C LYS A 405 -18.81 -29.43 -1.88
N LEU A 406 -18.53 -28.35 -2.62
CA LEU A 406 -19.57 -27.74 -3.42
C LEU A 406 -19.78 -28.50 -4.72
N ARG A 407 -18.69 -28.97 -5.34
CA ARG A 407 -18.77 -29.81 -6.51
C ARG A 407 -19.41 -31.16 -6.20
N SER A 408 -19.41 -31.58 -4.94
CA SER A 408 -20.08 -32.82 -4.56
C SER A 408 -21.59 -32.60 -4.46
N VAL A 409 -22.00 -31.55 -3.76
CA VAL A 409 -23.42 -31.22 -3.64
C VAL A 409 -23.97 -30.59 -4.90
N PHE A 410 -23.12 -30.34 -5.90
CA PHE A 410 -23.52 -29.78 -7.19
C PHE A 410 -23.17 -30.76 -8.30
N ARG A 411 -23.39 -32.05 -8.05
CA ARG A 411 -23.05 -33.09 -9.02
C ARG A 411 -24.20 -33.30 -10.00
N ALA B 2 -19.21 -0.96 -46.17
CA ALA B 2 -18.37 0.19 -45.83
C ALA B 2 -16.89 -0.21 -45.84
N ASP B 3 -16.26 -0.23 -44.67
CA ASP B 3 -14.84 -0.55 -44.55
C ASP B 3 -14.63 -1.64 -43.51
N LEU B 4 -13.52 -2.35 -43.65
CA LEU B 4 -13.17 -3.40 -42.70
C LEU B 4 -13.00 -2.84 -41.29
N GLU B 5 -12.19 -1.80 -41.15
CA GLU B 5 -12.00 -1.18 -39.83
C GLU B 5 -13.26 -0.50 -39.34
N ASP B 6 -14.05 0.09 -40.25
CA ASP B 6 -15.29 0.69 -39.81
C ASP B 6 -16.24 -0.38 -39.26
N ASN B 7 -16.18 -1.58 -39.83
CA ASN B 7 -16.87 -2.71 -39.22
C ASN B 7 -16.18 -3.14 -37.93
N TRP B 8 -14.88 -2.86 -37.80
CA TRP B 8 -14.17 -3.21 -36.56
C TRP B 8 -14.65 -2.36 -35.40
N GLU B 9 -15.11 -1.13 -35.66
CA GLU B 9 -15.75 -0.34 -34.62
C GLU B 9 -17.14 -0.89 -34.30
N THR B 10 -17.82 -1.46 -35.29
CA THR B 10 -19.09 -2.14 -35.02
C THR B 10 -18.89 -3.26 -34.02
N LEU B 11 -17.78 -4.00 -34.12
CA LEU B 11 -17.48 -5.02 -33.14
C LEU B 11 -17.20 -4.41 -31.78
N ASN B 12 -16.25 -3.46 -31.73
CA ASN B 12 -15.88 -2.86 -30.45
C ASN B 12 -16.99 -2.02 -29.87
N ASP B 13 -17.94 -1.55 -30.69
CA ASP B 13 -19.10 -0.87 -30.15
C ASP B 13 -20.09 -1.86 -29.54
N ASN B 14 -20.28 -3.01 -30.19
CA ASN B 14 -21.10 -4.06 -29.60
C ASN B 14 -20.39 -4.79 -28.47
N LEU B 15 -19.06 -4.78 -28.45
CA LEU B 15 -18.33 -5.32 -27.31
C LEU B 15 -18.63 -4.53 -26.04
N LYS B 16 -18.81 -3.21 -26.18
CA LYS B 16 -19.12 -2.39 -25.01
C LYS B 16 -20.52 -2.68 -24.50
N VAL B 17 -21.47 -2.94 -25.41
CA VAL B 17 -22.83 -3.25 -25.00
C VAL B 17 -22.88 -4.54 -24.20
N ILE B 18 -22.02 -5.51 -24.53
CA ILE B 18 -22.08 -6.81 -23.87
C ILE B 18 -21.69 -6.67 -22.40
N GLU B 19 -20.60 -5.94 -22.12
CA GLU B 19 -20.17 -5.78 -20.74
C GLU B 19 -21.14 -4.90 -19.95
N LYS B 20 -21.88 -4.02 -20.62
CA LYS B 20 -22.88 -3.20 -19.98
C LYS B 20 -24.26 -3.71 -20.39
N ALA B 21 -24.62 -4.86 -19.81
CA ALA B 21 -25.90 -5.50 -20.05
C ALA B 21 -26.24 -6.34 -18.83
N ASP B 22 -27.54 -6.48 -18.56
CA ASP B 22 -28.02 -7.22 -17.40
C ASP B 22 -28.71 -8.53 -17.76
N ASN B 23 -29.46 -8.56 -18.86
CA ASN B 23 -30.13 -9.76 -19.33
C ASN B 23 -29.42 -10.33 -20.54
N ALA B 24 -29.65 -11.63 -20.78
CA ALA B 24 -29.00 -12.31 -21.89
C ALA B 24 -29.56 -11.90 -23.24
N ALA B 25 -30.77 -11.32 -23.27
CA ALA B 25 -31.32 -10.87 -24.54
C ALA B 25 -30.51 -9.73 -25.12
N GLN B 26 -30.00 -8.84 -24.26
CA GLN B 26 -29.13 -7.77 -24.75
C GLN B 26 -27.80 -8.31 -25.25
N VAL B 27 -27.19 -9.23 -24.50
CA VAL B 27 -25.92 -9.81 -24.94
C VAL B 27 -26.12 -10.63 -26.21
N LYS B 28 -27.14 -11.50 -26.20
CA LYS B 28 -27.48 -12.29 -27.38
C LYS B 28 -27.73 -11.38 -28.57
N ASP B 29 -28.42 -10.27 -28.36
CA ASP B 29 -28.67 -9.32 -29.45
C ASP B 29 -27.37 -8.71 -29.95
N ALA B 30 -26.48 -8.32 -29.04
CA ALA B 30 -25.21 -7.71 -29.45
C ALA B 30 -24.35 -8.70 -30.22
N LEU B 31 -24.29 -9.95 -29.77
CA LEU B 31 -23.47 -10.94 -30.46
C LEU B 31 -23.95 -11.15 -31.89
N THR B 32 -25.26 -11.02 -32.13
CA THR B 32 -25.78 -11.19 -33.49
C THR B 32 -25.19 -10.14 -34.43
N LYS B 33 -25.14 -8.88 -33.99
CA LYS B 33 -24.53 -7.84 -34.81
C LYS B 33 -23.06 -8.12 -35.04
N MET B 34 -22.36 -8.59 -34.02
CA MET B 34 -20.93 -8.83 -34.15
C MET B 34 -20.65 -9.96 -35.15
N ARG B 35 -21.45 -11.02 -35.12
CA ARG B 35 -21.23 -12.12 -36.06
C ARG B 35 -21.42 -11.65 -37.50
N ALA B 36 -22.41 -10.80 -37.72
CA ALA B 36 -22.61 -10.25 -39.07
C ALA B 36 -21.45 -9.36 -39.47
N ALA B 37 -20.96 -8.54 -38.54
CA ALA B 37 -19.85 -7.64 -38.85
C ALA B 37 -18.56 -8.42 -39.11
N ALA B 38 -18.29 -9.44 -38.30
CA ALA B 38 -17.08 -10.23 -38.50
C ALA B 38 -17.10 -10.91 -39.86
N LEU B 39 -18.21 -11.57 -40.20
CA LEU B 39 -18.32 -12.22 -41.50
C LEU B 39 -18.21 -11.21 -42.64
N ASP B 40 -18.75 -10.01 -42.43
CA ASP B 40 -18.68 -8.99 -43.48
C ASP B 40 -17.25 -8.57 -43.77
N ALA B 41 -16.42 -8.44 -42.72
CA ALA B 41 -15.04 -8.03 -42.91
C ALA B 41 -14.23 -9.03 -43.74
N GLN B 42 -14.62 -10.31 -43.71
CA GLN B 42 -13.89 -11.34 -44.46
C GLN B 42 -13.82 -11.00 -45.95
N LYS B 43 -12.64 -11.19 -46.53
CA LYS B 43 -12.42 -10.90 -47.95
C LYS B 43 -13.08 -9.60 -48.38
N ALA B 44 -13.01 -8.58 -47.53
CA ALA B 44 -13.67 -7.30 -47.78
C ALA B 44 -12.60 -6.22 -47.66
N THR B 45 -12.09 -5.78 -48.81
CA THR B 45 -11.14 -4.69 -49.00
C THR B 45 -10.21 -4.45 -47.82
N PRO B 46 -9.34 -5.39 -47.45
CA PRO B 46 -8.30 -5.06 -46.48
C PRO B 46 -7.39 -4.00 -47.04
N PRO B 47 -7.31 -2.82 -46.42
CA PRO B 47 -6.56 -1.72 -47.06
C PRO B 47 -5.07 -1.99 -47.12
N LYS B 48 -4.51 -2.59 -46.07
CA LYS B 48 -3.08 -2.89 -46.06
C LYS B 48 -2.72 -3.93 -47.11
N LEU B 49 -3.70 -4.67 -47.63
CA LEU B 49 -3.44 -5.70 -48.63
C LEU B 49 -4.31 -5.51 -49.87
N GLU B 50 -4.67 -4.26 -50.20
CA GLU B 50 -5.25 -4.01 -51.51
C GLU B 50 -4.29 -4.42 -52.61
N ASP B 51 -2.99 -4.32 -52.33
CA ASP B 51 -1.98 -4.71 -53.32
C ASP B 51 -2.07 -6.20 -53.63
N LYS B 52 -2.33 -7.02 -52.62
CA LYS B 52 -2.37 -8.46 -52.80
C LYS B 52 -3.55 -8.89 -53.65
N SER B 53 -3.34 -9.92 -54.47
CA SER B 53 -4.42 -10.55 -55.22
C SER B 53 -5.24 -11.35 -54.22
N PRO B 54 -6.41 -11.86 -54.63
CA PRO B 54 -7.30 -12.50 -53.64
C PRO B 54 -6.65 -13.55 -52.76
N ASP B 55 -5.89 -14.49 -53.35
CA ASP B 55 -5.31 -15.58 -52.60
C ASP B 55 -3.83 -15.30 -52.31
N SER B 56 -3.45 -15.38 -51.04
CA SER B 56 -2.06 -15.28 -50.63
C SER B 56 -1.91 -15.92 -49.27
N PRO B 57 -0.78 -16.56 -48.97
CA PRO B 57 -0.66 -17.25 -47.68
C PRO B 57 -0.77 -16.33 -46.47
N GLU B 58 -0.44 -15.05 -46.63
CA GLU B 58 -0.59 -14.11 -45.53
C GLU B 58 -2.07 -13.75 -45.34
N MET B 59 -2.79 -13.61 -46.45
CA MET B 59 -4.23 -13.35 -46.40
C MET B 59 -5.04 -14.56 -45.97
N LYS B 60 -4.45 -15.75 -45.93
CA LYS B 60 -5.17 -16.89 -45.39
C LYS B 60 -5.33 -16.76 -43.88
N ASP B 61 -4.30 -16.26 -43.19
CA ASP B 61 -4.47 -15.94 -41.78
C ASP B 61 -5.45 -14.77 -41.61
N PHE B 62 -5.58 -13.93 -42.64
CA PHE B 62 -6.58 -12.87 -42.62
C PHE B 62 -7.98 -13.46 -42.62
N ARG B 63 -8.30 -14.30 -43.62
CA ARG B 63 -9.60 -14.95 -43.64
C ARG B 63 -9.77 -15.88 -42.45
N HIS B 64 -8.68 -16.51 -42.00
CA HIS B 64 -8.75 -17.39 -40.84
C HIS B 64 -8.97 -16.59 -39.55
N GLY B 65 -8.40 -15.39 -39.48
CA GLY B 65 -8.56 -14.57 -38.28
C GLY B 65 -10.01 -14.29 -37.94
N PHE B 66 -10.87 -14.19 -38.96
CA PHE B 66 -12.28 -13.94 -38.72
C PHE B 66 -13.04 -15.24 -38.44
N ASP B 67 -12.47 -16.39 -38.79
CA ASP B 67 -13.09 -17.66 -38.44
C ASP B 67 -12.91 -17.97 -36.95
N ILE B 68 -11.72 -17.72 -36.41
CA ILE B 68 -11.52 -17.86 -34.97
C ILE B 68 -12.48 -16.93 -34.22
N LEU B 69 -12.70 -15.73 -34.77
CA LEU B 69 -13.58 -14.77 -34.12
C LEU B 69 -15.01 -15.27 -34.09
N VAL B 70 -15.52 -15.72 -35.24
CA VAL B 70 -16.89 -16.22 -35.30
C VAL B 70 -17.04 -17.45 -34.41
N GLY B 71 -16.02 -18.32 -34.40
CA GLY B 71 -16.09 -19.49 -33.55
C GLY B 71 -16.30 -19.13 -32.09
N GLN B 72 -15.63 -18.09 -31.62
CA GLN B 72 -15.80 -17.65 -30.23
C GLN B 72 -17.13 -16.91 -30.06
N ILE B 73 -17.54 -16.13 -31.06
CA ILE B 73 -18.85 -15.46 -30.98
C ILE B 73 -19.96 -16.49 -30.92
N ASP B 74 -19.77 -17.64 -31.58
CA ASP B 74 -20.77 -18.69 -31.51
C ASP B 74 -20.78 -19.36 -30.14
N ASP B 75 -19.59 -19.60 -29.57
CA ASP B 75 -19.53 -20.15 -28.21
C ASP B 75 -20.23 -19.24 -27.22
N ALA B 76 -20.07 -17.92 -27.40
CA ALA B 76 -20.75 -16.97 -26.51
C ALA B 76 -22.25 -16.94 -26.76
N LEU B 77 -22.66 -17.02 -28.04
CA LEU B 77 -24.09 -17.03 -28.33
C LEU B 77 -24.79 -18.22 -27.71
N LYS B 78 -24.10 -19.36 -27.61
CA LYS B 78 -24.71 -20.53 -26.96
C LYS B 78 -24.99 -20.24 -25.49
N LEU B 79 -24.02 -19.65 -24.78
CA LEU B 79 -24.23 -19.32 -23.38
C LEU B 79 -25.38 -18.34 -23.22
N ALA B 80 -25.49 -17.37 -24.13
CA ALA B 80 -26.59 -16.40 -24.04
C ALA B 80 -27.94 -17.08 -24.28
N ASN B 81 -27.98 -18.06 -25.19
CA ASN B 81 -29.22 -18.77 -25.46
C ASN B 81 -29.65 -19.62 -24.27
N GLU B 82 -28.70 -20.08 -23.46
CA GLU B 82 -29.01 -20.84 -22.26
C GLU B 82 -29.36 -19.95 -21.07
N GLY B 83 -29.46 -18.64 -21.28
CA GLY B 83 -29.71 -17.72 -20.19
C GLY B 83 -28.52 -17.47 -19.29
N LYS B 84 -27.31 -17.74 -19.77
CA LYS B 84 -26.10 -17.54 -18.99
C LYS B 84 -25.44 -16.23 -19.41
N VAL B 85 -26.05 -15.13 -18.96
CA VAL B 85 -25.59 -13.81 -19.39
C VAL B 85 -24.17 -13.55 -18.92
N LYS B 86 -23.87 -13.91 -17.66
CA LYS B 86 -22.54 -13.64 -17.12
C LYS B 86 -21.49 -14.53 -17.77
N GLU B 87 -21.83 -15.79 -18.03
CA GLU B 87 -20.88 -16.69 -18.69
C GLU B 87 -20.60 -16.23 -20.12
N ALA B 88 -21.62 -15.73 -20.81
CA ALA B 88 -21.41 -15.23 -22.17
C ALA B 88 -20.53 -13.99 -22.18
N GLN B 89 -20.73 -13.08 -21.21
CA GLN B 89 -19.90 -11.90 -21.12
C GLN B 89 -18.42 -12.27 -20.92
N ALA B 90 -18.17 -13.30 -20.10
CA ALA B 90 -16.81 -13.77 -19.92
C ALA B 90 -16.24 -14.29 -21.24
N ALA B 91 -17.05 -15.03 -22.01
CA ALA B 91 -16.60 -15.50 -23.30
C ALA B 91 -16.29 -14.33 -24.23
N ALA B 92 -17.07 -13.26 -24.14
CA ALA B 92 -16.77 -12.06 -24.90
C ALA B 92 -15.50 -11.38 -24.39
N GLU B 93 -15.14 -11.58 -23.12
CA GLU B 93 -13.88 -11.04 -22.62
C GLU B 93 -12.68 -11.67 -23.32
N GLN B 94 -12.74 -12.97 -23.58
CA GLN B 94 -11.68 -13.63 -24.34
C GLN B 94 -11.66 -13.21 -25.80
N LEU B 95 -12.76 -12.63 -26.30
CA LEU B 95 -12.77 -12.19 -27.69
C LEU B 95 -11.78 -11.06 -27.90
N LYS B 96 -11.67 -10.16 -26.92
CA LYS B 96 -10.77 -9.02 -27.04
C LYS B 96 -9.32 -9.43 -27.14
N THR B 97 -8.94 -10.54 -26.50
CA THR B 97 -7.54 -10.99 -26.54
C THR B 97 -7.17 -11.52 -27.93
N THR B 98 -8.04 -12.34 -28.52
CA THR B 98 -7.77 -12.85 -29.86
C THR B 98 -7.94 -11.77 -30.91
N ARG B 99 -8.79 -10.78 -30.63
CA ARG B 99 -8.95 -9.64 -31.53
C ARG B 99 -7.60 -9.00 -31.84
N ASN B 100 -6.68 -9.02 -30.88
CA ASN B 100 -5.34 -8.50 -31.11
C ASN B 100 -4.70 -9.18 -32.32
N ALA B 101 -5.02 -10.45 -32.56
CA ALA B 101 -4.47 -11.16 -33.71
C ALA B 101 -5.01 -10.62 -35.03
N TYR B 102 -6.25 -10.11 -35.02
CA TYR B 102 -6.86 -9.64 -36.26
C TYR B 102 -6.23 -8.35 -36.75
N ILE B 103 -5.99 -7.40 -35.85
CA ILE B 103 -5.47 -6.09 -36.25
C ILE B 103 -4.06 -6.20 -36.80
N GLN B 104 -3.37 -7.31 -36.55
CA GLN B 104 -2.06 -7.51 -37.15
C GLN B 104 -2.16 -7.70 -38.66
N LYS B 105 -3.22 -8.38 -39.12
CA LYS B 105 -3.29 -8.77 -40.53
C LYS B 105 -3.52 -7.57 -41.43
N TYR B 106 -4.48 -6.71 -41.10
CA TYR B 106 -4.92 -5.69 -42.05
C TYR B 106 -4.96 -4.31 -41.42
N LEU B 107 -5.25 -4.26 -40.14
CA LEU B 107 -5.44 -3.01 -39.46
C LEU B 107 -4.13 -2.43 -38.91
N LYS B 119 15.18 -9.01 -35.86
CA LYS B 119 15.58 -7.64 -35.57
C LYS B 119 16.65 -7.62 -34.47
N HIS B 120 17.62 -8.52 -34.58
CA HIS B 120 18.61 -8.72 -33.55
C HIS B 120 19.81 -7.79 -33.77
N LEU B 121 20.19 -7.05 -32.74
CA LEU B 121 21.35 -6.18 -32.79
C LEU B 121 22.50 -6.81 -32.02
N ASP B 122 23.69 -6.76 -32.61
CA ASP B 122 24.90 -7.24 -31.93
C ASP B 122 25.32 -6.34 -30.79
N ALA B 123 24.79 -5.11 -30.72
CA ALA B 123 25.26 -4.16 -29.71
C ALA B 123 24.82 -4.57 -28.31
N ILE B 124 23.54 -4.92 -28.14
CA ILE B 124 23.00 -5.16 -26.80
C ILE B 124 23.89 -6.11 -26.00
N PRO B 125 24.22 -7.30 -26.49
CA PRO B 125 25.11 -8.17 -25.70
C PRO B 125 26.42 -7.50 -25.32
N ILE B 126 26.98 -6.67 -26.20
CA ILE B 126 28.19 -5.94 -25.87
C ILE B 126 27.92 -4.92 -24.78
N LEU B 127 26.83 -4.17 -24.91
CA LEU B 127 26.51 -3.14 -23.93
C LEU B 127 26.27 -3.75 -22.55
N TYR B 128 25.56 -4.86 -22.48
CA TYR B 128 25.27 -5.50 -21.19
C TYR B 128 26.55 -5.85 -20.45
N TYR B 129 27.55 -6.37 -21.17
CA TYR B 129 28.82 -6.71 -20.53
C TYR B 129 29.54 -5.46 -20.06
N ILE B 130 29.43 -4.36 -20.81
CA ILE B 130 30.04 -3.10 -20.37
C ILE B 130 29.46 -2.71 -19.02
N ILE B 131 28.13 -2.67 -18.92
CA ILE B 131 27.49 -2.33 -17.66
C ILE B 131 27.86 -3.33 -16.58
N PHE B 132 28.00 -4.60 -16.95
CA PHE B 132 28.30 -5.64 -15.97
C PHE B 132 29.61 -5.34 -15.25
N VAL B 133 30.71 -5.23 -16.00
CA VAL B 133 32.01 -5.04 -15.37
C VAL B 133 32.09 -3.66 -14.71
N ILE B 134 31.62 -2.63 -15.40
CA ILE B 134 31.63 -1.28 -14.83
C ILE B 134 30.87 -1.28 -13.50
N GLY B 135 29.67 -1.84 -13.50
CA GLY B 135 28.89 -1.89 -12.27
C GLY B 135 29.51 -2.79 -11.22
N PHE B 136 30.02 -3.95 -11.64
CA PHE B 136 30.65 -4.86 -10.69
C PHE B 136 31.93 -4.29 -10.10
N LEU B 137 32.57 -3.35 -10.81
CA LEU B 137 33.79 -2.72 -10.29
C LEU B 137 33.47 -1.67 -9.24
N VAL B 138 32.54 -0.76 -9.55
CA VAL B 138 32.19 0.27 -8.59
C VAL B 138 31.51 -0.33 -7.36
N ASN B 139 30.76 -1.41 -7.52
CA ASN B 139 30.04 -1.99 -6.38
C ASN B 139 30.94 -2.87 -5.52
N ILE B 140 31.95 -3.52 -6.11
CA ILE B 140 32.91 -4.26 -5.30
C ILE B 140 33.82 -3.30 -4.55
N VAL B 141 33.89 -2.04 -4.97
CA VAL B 141 34.62 -1.02 -4.20
C VAL B 141 33.79 -0.57 -3.01
N VAL B 142 32.47 -0.45 -3.18
CA VAL B 142 31.62 0.01 -2.09
C VAL B 142 31.68 -0.96 -0.92
N VAL B 143 31.62 -2.27 -1.19
CA VAL B 143 31.59 -3.24 -0.11
C VAL B 143 32.93 -3.27 0.63
N THR B 144 34.03 -3.13 -0.11
CA THR B 144 35.33 -3.19 0.55
C THR B 144 35.60 -1.93 1.36
N LEU B 145 35.19 -0.77 0.86
CA LEU B 145 35.32 0.46 1.64
C LEU B 145 34.57 0.33 2.97
N PHE B 146 33.37 -0.24 2.93
CA PHE B 146 32.56 -0.43 4.12
C PHE B 146 33.20 -1.39 5.11
N YCM B 147 33.17 -2.67 4.76
CA YCM B 147 33.69 -3.73 5.58
CB YCM B 147 33.82 -5.02 4.75
SG YCM B 147 34.11 -6.50 5.65
CD YCM B 147 32.62 -7.43 5.37
CE YCM B 147 32.62 -8.11 4.03
OZ1 YCM B 147 32.38 -7.45 2.99
NZ2 YCM B 147 32.90 -9.45 3.95
C YCM B 147 35.03 -3.52 6.28
O YCM B 147 35.20 -3.79 7.47
N CYS B 148 36.00 -3.01 5.51
CA CYS B 148 37.33 -2.78 6.07
C CYS B 148 37.24 -1.98 7.37
N GLN B 149 36.34 -1.01 7.40
CA GLN B 149 36.18 -0.22 8.61
C GLN B 149 35.50 -1.07 9.68
N LYS B 150 35.89 -0.86 10.93
CA LYS B 150 35.32 -1.59 12.06
C LYS B 150 34.88 -0.57 13.10
N GLY B 151 33.91 -0.95 13.92
CA GLY B 151 33.32 -0.02 14.86
C GLY B 151 31.84 0.13 14.62
N PRO B 152 31.18 1.02 15.37
CA PRO B 152 29.74 1.21 15.19
C PRO B 152 29.45 1.80 13.82
N LYS B 153 28.73 1.04 13.00
CA LYS B 153 28.39 1.43 11.65
C LYS B 153 27.19 2.36 11.67
N LYS B 154 27.25 3.43 10.89
CA LYS B 154 26.10 4.32 10.81
C LYS B 154 24.94 3.60 10.15
N VAL B 155 23.72 4.00 10.53
CA VAL B 155 22.54 3.38 9.91
C VAL B 155 22.56 3.63 8.41
N SER B 156 23.14 4.76 7.98
CA SER B 156 23.29 5.01 6.56
C SER B 156 24.23 4.01 5.92
N SER B 157 25.39 3.78 6.54
CA SER B 157 26.36 2.85 5.99
C SER B 157 25.79 1.43 5.90
N ILE B 158 24.91 1.06 6.82
CA ILE B 158 24.28 -0.25 6.75
C ILE B 158 23.44 -0.36 5.48
N TYR B 159 22.74 0.72 5.12
CA TYR B 159 21.95 0.71 3.89
C TYR B 159 22.85 0.75 2.66
N ILE B 160 24.00 1.41 2.75
CA ILE B 160 24.94 1.41 1.62
C ILE B 160 25.42 -0.01 1.34
N PHE B 161 25.78 -0.74 2.40
CA PHE B 161 26.27 -2.11 2.22
C PHE B 161 25.20 -2.98 1.59
N ASN B 162 23.99 -2.97 2.16
CA ASN B 162 22.92 -3.79 1.61
C ASN B 162 22.55 -3.36 0.20
N LEU B 163 22.66 -2.06 -0.10
CA LEU B 163 22.38 -1.60 -1.45
C LEU B 163 23.40 -2.14 -2.45
N ALA B 164 24.66 -2.23 -2.04
CA ALA B 164 25.70 -2.71 -2.94
C ALA B 164 25.57 -4.21 -3.17
N VAL B 165 25.25 -4.97 -2.11
CA VAL B 165 25.07 -6.42 -2.27
C VAL B 165 23.95 -6.70 -3.25
N ALA B 166 22.82 -6.00 -3.10
CA ALA B 166 21.74 -6.14 -4.07
C ALA B 166 22.21 -5.79 -5.47
N ASP B 167 22.95 -4.69 -5.60
CA ASP B 167 23.48 -4.31 -6.92
C ASP B 167 24.43 -5.38 -7.45
N LEU B 168 25.27 -5.94 -6.58
CA LEU B 168 26.21 -6.97 -7.04
C LEU B 168 25.48 -8.22 -7.49
N LEU B 169 24.47 -8.65 -6.74
CA LEU B 169 23.77 -9.89 -7.08
C LEU B 169 22.95 -9.74 -8.35
N LEU B 170 22.31 -8.59 -8.54
CA LEU B 170 21.54 -8.37 -9.76
C LEU B 170 22.44 -8.14 -10.96
N LEU B 171 23.56 -7.45 -10.76
CA LEU B 171 24.53 -7.28 -11.84
C LEU B 171 25.15 -8.62 -12.26
N ALA B 172 25.21 -9.58 -11.35
CA ALA B 172 25.80 -10.88 -11.68
C ALA B 172 24.94 -11.68 -12.64
N THR B 173 23.67 -11.31 -12.81
CA THR B 173 22.79 -11.99 -13.74
C THR B 173 22.82 -11.42 -15.16
N LEU B 174 23.54 -10.32 -15.37
CA LEU B 174 23.62 -9.74 -16.70
C LEU B 174 24.16 -10.71 -17.74
N PRO B 175 25.22 -11.48 -17.48
CA PRO B 175 25.69 -12.44 -18.49
C PRO B 175 24.61 -13.41 -18.95
N LEU B 176 23.70 -13.80 -18.06
CA LEU B 176 22.60 -14.66 -18.47
C LEU B 176 21.73 -13.98 -19.51
N TRP B 177 21.45 -12.69 -19.31
CA TRP B 177 20.58 -11.97 -20.23
C TRP B 177 21.32 -11.61 -21.51
N ALA B 178 22.65 -11.43 -21.43
CA ALA B 178 23.44 -11.23 -22.64
C ALA B 178 23.46 -12.50 -23.49
N THR B 179 23.68 -13.65 -22.85
CA THR B 179 23.62 -14.91 -23.58
C THR B 179 22.19 -15.23 -24.01
N TYR B 180 21.22 -14.95 -23.13
CA TYR B 180 19.82 -15.17 -23.48
C TYR B 180 19.40 -14.32 -24.67
N TYR B 181 19.95 -13.11 -24.79
CA TYR B 181 19.62 -12.25 -25.92
C TYR B 181 20.39 -12.67 -27.17
N SER B 182 21.66 -13.04 -27.01
CA SER B 182 22.47 -13.41 -28.17
C SER B 182 21.92 -14.64 -28.88
N TYR B 183 21.25 -15.54 -28.14
CA TYR B 183 20.61 -16.70 -28.72
C TYR B 183 19.16 -16.43 -29.11
N ARG B 184 18.79 -15.17 -29.33
CA ARG B 184 17.45 -14.78 -29.77
C ARG B 184 16.38 -15.44 -28.89
N TYR B 185 16.43 -15.12 -27.60
CA TYR B 185 15.42 -15.57 -26.65
C TYR B 185 15.24 -17.09 -26.71
N ASP B 186 16.35 -17.80 -26.63
CA ASP B 186 16.36 -19.26 -26.57
C ASP B 186 17.12 -19.66 -25.30
N TRP B 187 16.38 -19.99 -24.25
CA TRP B 187 17.01 -20.32 -22.98
C TRP B 187 17.69 -21.69 -23.06
N LEU B 188 18.96 -21.74 -22.66
CA LEU B 188 19.74 -22.97 -22.71
C LEU B 188 20.15 -23.49 -21.34
N PHE B 189 20.02 -22.69 -20.27
CA PHE B 189 20.52 -23.09 -18.96
C PHE B 189 19.57 -24.03 -18.23
N GLY B 190 18.35 -24.21 -18.70
CA GLY B 190 17.42 -25.11 -18.08
C GLY B 190 16.22 -24.39 -17.49
N PRO B 191 15.14 -25.12 -17.22
CA PRO B 191 13.94 -24.48 -16.66
C PRO B 191 14.08 -24.10 -15.20
N VAL B 192 14.97 -24.75 -14.45
CA VAL B 192 15.12 -24.40 -13.04
C VAL B 192 15.88 -23.08 -12.91
N MET B 193 16.88 -22.86 -13.77
CA MET B 193 17.61 -21.60 -13.73
C MET B 193 16.78 -20.45 -14.28
N CYS B 194 15.73 -20.74 -15.05
CA CYS B 194 14.83 -19.69 -15.52
C CYS B 194 13.98 -19.17 -14.39
N LYS B 195 13.37 -20.08 -13.62
CA LYS B 195 12.57 -19.67 -12.46
C LYS B 195 13.47 -19.11 -11.36
N VAL B 196 14.65 -19.69 -11.19
CA VAL B 196 15.58 -19.27 -10.14
C VAL B 196 16.14 -17.89 -10.44
N PHE B 197 17.05 -17.82 -11.42
CA PHE B 197 17.70 -16.56 -11.74
C PHE B 197 16.75 -15.51 -12.30
N GLY B 198 15.52 -15.89 -12.66
CA GLY B 198 14.54 -14.91 -13.07
C GLY B 198 13.93 -14.20 -11.89
N SER B 199 13.58 -14.95 -10.85
CA SER B 199 13.08 -14.35 -9.62
C SER B 199 14.20 -13.75 -8.79
N PHE B 200 15.37 -14.39 -8.79
CA PHE B 200 16.51 -13.85 -8.05
C PHE B 200 16.83 -12.43 -8.49
N LEU B 201 16.65 -12.14 -9.78
CA LEU B 201 16.83 -10.77 -10.26
C LEU B 201 15.79 -9.84 -9.66
N THR B 202 14.50 -10.17 -9.84
CA THR B 202 13.44 -9.32 -9.32
C THR B 202 13.58 -9.09 -7.82
N LEU B 203 14.01 -10.11 -7.09
CA LEU B 203 14.18 -9.98 -5.64
C LEU B 203 15.22 -8.92 -5.32
N ASN B 204 16.44 -9.09 -5.82
CA ASN B 204 17.52 -8.15 -5.50
C ASN B 204 17.28 -6.77 -6.07
N MET B 205 16.50 -6.65 -7.15
CA MET B 205 16.25 -5.34 -7.72
C MET B 205 15.23 -4.56 -6.90
N PHE B 206 14.17 -5.22 -6.44
CA PHE B 206 13.26 -4.59 -5.49
C PHE B 206 13.99 -4.18 -4.21
N ALA B 207 14.81 -5.08 -3.68
CA ALA B 207 15.60 -4.75 -2.50
C ALA B 207 16.47 -3.52 -2.76
N SER B 208 17.14 -3.47 -3.92
CA SER B 208 17.96 -2.32 -4.25
C SER B 208 17.12 -1.05 -4.35
N ILE B 209 15.92 -1.16 -4.93
CA ILE B 209 15.07 0.01 -5.06
C ILE B 209 14.49 0.41 -3.71
N PHE B 210 14.18 -0.58 -2.86
CA PHE B 210 13.67 -0.27 -1.54
C PHE B 210 14.73 0.38 -0.66
N PHE B 211 15.99 0.01 -0.85
CA PHE B 211 17.07 0.63 -0.07
C PHE B 211 17.39 2.04 -0.57
N ILE B 212 17.25 2.30 -1.87
CA ILE B 212 17.37 3.66 -2.36
C ILE B 212 16.38 4.57 -1.65
N THR B 213 15.18 4.05 -1.37
CA THR B 213 14.19 4.82 -0.63
C THR B 213 14.60 5.00 0.83
N CYS B 214 15.10 3.93 1.45
CA CYS B 214 15.61 4.05 2.81
C CYS B 214 16.72 5.07 2.89
N MET B 215 17.53 5.19 1.84
CA MET B 215 18.61 6.18 1.83
C MET B 215 18.05 7.60 1.80
N SER B 216 17.03 7.84 0.98
CA SER B 216 16.46 9.18 0.88
C SER B 216 15.72 9.58 2.16
N VAL B 217 15.11 8.62 2.85
CA VAL B 217 14.45 8.93 4.11
C VAL B 217 15.48 9.24 5.19
N ASP B 218 16.57 8.48 5.23
CA ASP B 218 17.60 8.73 6.24
C ASP B 218 18.21 10.12 6.08
N ARG B 219 18.45 10.54 4.84
CA ARG B 219 18.96 11.89 4.60
C ARG B 219 17.92 12.92 4.98
N TYR B 220 16.63 12.63 4.73
CA TYR B 220 15.57 13.54 5.13
C TYR B 220 15.51 13.68 6.65
N GLN B 221 15.74 12.58 7.38
CA GLN B 221 15.80 12.68 8.84
C GLN B 221 16.99 13.52 9.28
N SER B 222 18.12 13.41 8.58
CA SER B 222 19.30 14.17 8.96
C SER B 222 19.11 15.67 8.72
N VAL B 223 18.34 16.03 7.69
CA VAL B 223 18.15 17.44 7.36
C VAL B 223 17.10 18.06 8.27
N ILE B 224 15.97 17.37 8.46
CA ILE B 224 14.92 17.92 9.29
C ILE B 224 15.31 17.88 10.76
N TYR B 225 16.09 16.87 11.17
CA TYR B 225 16.50 16.70 12.56
C TYR B 225 18.01 16.56 12.64
N PRO B 226 18.74 17.68 12.69
CA PRO B 226 20.20 17.60 12.84
C PRO B 226 20.62 17.05 14.19
N PHE B 227 19.82 17.24 15.24
CA PHE B 227 20.27 16.87 16.58
C PHE B 227 20.23 15.36 16.79
N LEU B 228 19.17 14.68 16.36
CA LEU B 228 19.09 13.24 16.57
C LEU B 228 20.08 12.51 15.66
N SER B 229 20.57 13.20 14.62
CA SER B 229 21.54 12.62 13.70
C SER B 229 22.76 12.09 14.45
N GLN B 230 23.07 12.68 15.60
CA GLN B 230 24.21 12.21 16.39
C GLN B 230 23.97 10.78 16.86
N ARG B 231 24.76 9.85 16.32
CA ARG B 231 24.71 8.41 16.56
C ARG B 231 23.57 7.76 15.79
N ARG B 232 22.64 8.52 15.21
CA ARG B 232 21.49 7.89 14.58
C ARG B 232 20.81 7.06 15.67
N ASN B 233 20.02 6.06 15.29
CA ASN B 233 19.42 5.14 16.25
C ASN B 233 19.90 3.71 16.02
N PRO B 234 20.46 3.03 17.03
CA PRO B 234 20.94 1.65 16.79
C PRO B 234 19.82 0.70 16.39
N TRP B 235 18.59 0.94 16.86
CA TRP B 235 17.47 0.04 16.59
C TRP B 235 16.94 0.13 15.17
N GLN B 236 17.18 1.24 14.47
CA GLN B 236 16.56 1.44 13.17
C GLN B 236 17.04 0.41 12.16
N ALA B 237 18.37 0.24 12.04
CA ALA B 237 18.92 -0.69 11.05
C ALA B 237 18.63 -2.14 11.38
N SER B 238 18.57 -2.49 12.68
CA SER B 238 18.34 -3.89 13.04
C SER B 238 16.95 -4.37 12.63
N TYR B 239 15.98 -3.46 12.55
CA TYR B 239 14.62 -3.80 12.14
C TYR B 239 14.34 -3.51 10.67
N ILE B 240 14.85 -2.39 10.15
CA ILE B 240 14.53 -1.98 8.79
C ILE B 240 15.12 -2.94 7.77
N VAL B 241 16.36 -3.36 7.96
CA VAL B 241 17.03 -4.19 6.95
C VAL B 241 16.31 -5.51 6.73
N PRO B 242 16.01 -6.30 7.76
CA PRO B 242 15.25 -7.54 7.51
C PRO B 242 13.92 -7.30 6.80
N LEU B 243 13.22 -6.21 7.14
CA LEU B 243 11.94 -5.93 6.51
C LEU B 243 12.10 -5.69 5.02
N VAL B 244 13.16 -4.98 4.62
CA VAL B 244 13.35 -4.64 3.21
C VAL B 244 13.49 -5.90 2.37
N TRP B 245 14.41 -6.79 2.78
CA TRP B 245 14.58 -8.04 2.04
C TRP B 245 13.31 -8.86 2.04
N CYS B 246 12.54 -8.82 3.13
CA CYS B 246 11.28 -9.55 3.17
C CYS B 246 10.25 -8.94 2.23
N MET B 247 10.14 -7.61 2.23
CA MET B 247 9.24 -6.95 1.29
C MET B 247 9.63 -7.26 -0.15
N ALA B 248 10.94 -7.28 -0.43
CA ALA B 248 11.39 -7.66 -1.76
C ALA B 248 11.03 -9.10 -2.07
N CYS B 249 11.15 -9.99 -1.08
CA CYS B 249 10.75 -11.38 -1.28
C CYS B 249 9.27 -11.47 -1.62
N LEU B 250 8.43 -10.79 -0.84
CA LEU B 250 6.99 -10.79 -1.13
C LEU B 250 6.70 -10.16 -2.48
N SER B 251 7.47 -9.15 -2.87
CA SER B 251 7.22 -8.47 -4.13
C SER B 251 7.56 -9.33 -5.33
N SER B 252 8.51 -10.26 -5.18
CA SER B 252 8.95 -11.12 -6.26
C SER B 252 8.29 -12.50 -6.24
N LEU B 253 7.34 -12.74 -5.33
CA LEU B 253 6.67 -14.03 -5.30
C LEU B 253 5.94 -14.32 -6.61
N PRO B 254 5.17 -13.40 -7.18
CA PRO B 254 4.56 -13.67 -8.49
C PRO B 254 5.55 -14.14 -9.53
N THR B 255 6.76 -13.57 -9.53
CA THR B 255 7.78 -14.01 -10.47
C THR B 255 8.15 -15.47 -10.24
N PHE B 256 8.28 -15.87 -8.98
CA PHE B 256 8.68 -17.24 -8.69
C PHE B 256 7.56 -18.22 -9.02
N TYR B 257 6.29 -17.78 -8.93
CA TYR B 257 5.19 -18.67 -9.21
C TYR B 257 5.07 -18.99 -10.70
N PHE B 258 5.36 -18.00 -11.55
CA PHE B 258 5.08 -18.11 -12.98
C PHE B 258 6.32 -18.22 -13.86
N ARG B 259 7.42 -17.58 -13.50
CA ARG B 259 8.62 -17.58 -14.33
C ARG B 259 9.05 -19.01 -14.65
N ASP B 260 8.93 -19.39 -15.91
CA ASP B 260 9.33 -20.74 -16.35
C ASP B 260 9.46 -20.72 -17.86
N VAL B 261 10.18 -21.71 -18.39
CA VAL B 261 10.42 -21.79 -19.82
C VAL B 261 9.17 -22.32 -20.50
N ARG B 262 8.74 -21.63 -21.57
CA ARG B 262 7.57 -22.04 -22.33
C ARG B 262 7.83 -21.87 -23.82
N THR B 263 7.19 -22.72 -24.62
CA THR B 263 7.35 -22.68 -26.06
C THR B 263 6.42 -21.62 -26.64
N ILE B 264 6.98 -20.60 -27.28
CA ILE B 264 6.20 -19.59 -27.99
C ILE B 264 6.10 -20.04 -29.45
N GLU B 265 4.88 -20.35 -29.89
CA GLU B 265 4.70 -21.02 -31.18
C GLU B 265 5.04 -20.09 -32.34
N TYR B 266 4.49 -18.88 -32.37
CA TYR B 266 4.70 -18.02 -33.53
C TYR B 266 6.17 -17.63 -33.70
N LEU B 267 6.96 -17.66 -32.63
CA LEU B 267 8.39 -17.42 -32.74
C LEU B 267 9.19 -18.71 -32.86
N GLY B 268 8.61 -19.85 -32.47
CA GLY B 268 9.29 -21.12 -32.61
C GLY B 268 10.47 -21.33 -31.68
N VAL B 269 10.48 -20.65 -30.53
CA VAL B 269 11.58 -20.75 -29.58
C VAL B 269 10.97 -20.95 -28.18
N ASN B 270 11.77 -21.52 -27.28
CA ASN B 270 11.38 -21.65 -25.88
C ASN B 270 12.07 -20.56 -25.08
N ALA B 271 11.29 -19.56 -24.67
CA ALA B 271 11.77 -18.40 -23.95
C ALA B 271 11.52 -18.56 -22.45
N CYS B 272 12.33 -17.85 -21.66
CA CYS B 272 12.15 -17.80 -20.22
C CYS B 272 11.24 -16.62 -19.92
N ILE B 273 9.94 -16.90 -19.81
CA ILE B 273 8.89 -15.90 -19.71
C ILE B 273 8.04 -16.19 -18.49
N MET B 274 7.09 -15.29 -18.23
CA MET B 274 6.13 -15.47 -17.14
C MET B 274 5.00 -16.37 -17.64
N ALA B 275 5.00 -17.62 -17.18
CA ALA B 275 4.05 -18.63 -17.67
C ALA B 275 2.73 -18.47 -16.91
N PHE B 276 1.98 -17.45 -17.29
CA PHE B 276 0.68 -17.21 -16.68
C PHE B 276 -0.34 -18.22 -17.20
N PRO B 277 -1.42 -18.44 -16.47
CA PRO B 277 -2.52 -19.26 -16.99
C PRO B 277 -3.02 -18.69 -18.32
N PRO B 278 -2.94 -19.46 -19.41
CA PRO B 278 -3.31 -18.90 -20.72
C PRO B 278 -4.73 -18.34 -20.79
N GLU B 279 -5.67 -18.87 -19.99
CA GLU B 279 -7.05 -18.42 -20.10
C GLU B 279 -7.21 -16.94 -19.73
N LYS B 280 -6.30 -16.40 -18.93
CA LYS B 280 -6.32 -15.00 -18.53
C LYS B 280 -4.94 -14.38 -18.67
N TYR B 281 -4.24 -14.68 -19.76
CA TYR B 281 -2.88 -14.18 -19.91
C TYR B 281 -2.88 -12.65 -20.00
N ALA B 282 -3.84 -12.09 -20.74
CA ALA B 282 -3.90 -10.64 -20.88
C ALA B 282 -4.14 -9.97 -19.53
N GLN B 283 -5.01 -10.57 -18.70
CA GLN B 283 -5.29 -9.96 -17.40
C GLN B 283 -4.08 -10.05 -16.47
N TRP B 284 -3.36 -11.17 -16.52
CA TRP B 284 -2.18 -11.31 -15.68
C TRP B 284 -1.06 -10.38 -16.14
N SER B 285 -0.74 -10.40 -17.43
CA SER B 285 0.28 -9.49 -17.95
C SER B 285 -0.05 -8.05 -17.62
N ALA B 286 -1.32 -7.66 -17.76
CA ALA B 286 -1.72 -6.30 -17.44
C ALA B 286 -1.59 -6.02 -15.94
N GLY B 287 -2.01 -6.98 -15.11
CA GLY B 287 -1.93 -6.77 -13.67
C GLY B 287 -0.51 -6.77 -13.13
N ILE B 288 0.30 -7.73 -13.57
CA ILE B 288 1.67 -7.82 -13.08
C ILE B 288 2.49 -6.63 -13.57
N ALA B 289 2.22 -6.15 -14.79
CA ALA B 289 2.95 -4.99 -15.30
C ALA B 289 2.67 -3.75 -14.47
N LEU B 290 1.42 -3.58 -14.02
CA LEU B 290 1.07 -2.38 -13.27
C LEU B 290 1.63 -2.42 -11.85
N MET B 291 1.73 -3.60 -11.23
CA MET B 291 2.33 -3.67 -9.91
C MET B 291 3.85 -3.46 -9.98
N LYS B 292 4.45 -3.68 -11.14
CA LYS B 292 5.86 -3.35 -11.30
C LYS B 292 6.06 -1.84 -11.25
N ASN B 293 5.15 -1.09 -11.87
CA ASN B 293 5.22 0.37 -11.83
C ASN B 293 4.99 0.90 -10.42
N ILE B 294 3.95 0.40 -9.74
CA ILE B 294 3.59 0.92 -8.42
C ILE B 294 4.69 0.60 -7.41
N LEU B 295 4.94 -0.69 -7.18
CA LEU B 295 5.93 -1.08 -6.19
C LEU B 295 7.33 -0.68 -6.62
N GLY B 296 7.57 -0.57 -7.92
CA GLY B 296 8.91 -0.39 -8.44
C GLY B 296 9.24 1.01 -8.90
N PHE B 297 8.25 1.91 -8.96
CA PHE B 297 8.51 3.25 -9.44
C PHE B 297 7.69 4.31 -8.71
N ILE B 298 6.37 4.25 -8.85
CA ILE B 298 5.51 5.28 -8.28
C ILE B 298 5.74 5.40 -6.78
N ILE B 299 5.41 4.35 -6.02
CA ILE B 299 5.56 4.42 -4.56
C ILE B 299 6.99 4.80 -4.17
N PRO B 300 8.04 4.13 -4.68
CA PRO B 300 9.40 4.64 -4.41
C PRO B 300 9.57 6.11 -4.77
N LEU B 301 9.20 6.50 -5.98
CA LEU B 301 9.43 7.87 -6.41
C LEU B 301 8.66 8.88 -5.55
N ILE B 302 7.55 8.45 -4.95
CA ILE B 302 6.83 9.35 -4.06
C ILE B 302 7.69 9.68 -2.83
N PHE B 303 8.49 8.72 -2.37
CA PHE B 303 9.35 8.97 -1.22
C PHE B 303 10.55 9.84 -1.58
N ILE B 304 11.32 9.43 -2.60
CA ILE B 304 12.50 10.20 -2.99
C ILE B 304 12.09 11.62 -3.36
N ALA B 305 10.98 11.78 -4.07
CA ALA B 305 10.52 13.12 -4.44
C ALA B 305 10.12 13.91 -3.21
N THR B 306 9.29 13.31 -2.34
CA THR B 306 8.90 13.98 -1.11
C THR B 306 10.11 14.28 -0.23
N CYS B 307 11.04 13.32 -0.13
CA CYS B 307 12.22 13.53 0.69
C CYS B 307 13.08 14.67 0.15
N TYR B 308 13.26 14.73 -1.17
CA TYR B 308 14.06 15.81 -1.76
C TYR B 308 13.39 17.16 -1.52
N PHE B 309 12.13 17.30 -1.97
CA PHE B 309 11.43 18.56 -1.76
C PHE B 309 11.26 18.85 -0.28
N GLY B 310 11.27 17.80 0.56
CA GLY B 310 11.29 18.02 2.00
C GLY B 310 12.64 18.53 2.48
N ILE B 311 13.73 18.04 1.88
CA ILE B 311 15.04 18.57 2.20
C ILE B 311 15.19 19.99 1.65
N ARG B 312 14.70 20.22 0.43
CA ARG B 312 14.87 21.52 -0.21
C ARG B 312 14.12 22.60 0.55
N LYS B 313 12.93 22.28 1.07
CA LYS B 313 12.14 23.30 1.76
C LYS B 313 12.77 23.70 3.09
N HIS B 314 13.33 22.71 3.81
CA HIS B 314 13.96 23.02 5.10
C HIS B 314 15.17 23.92 4.93
N LEU B 315 16.04 23.60 3.98
CA LEU B 315 17.27 24.37 3.79
C LEU B 315 16.99 25.79 3.34
N LEU B 316 15.96 26.00 2.51
CA LEU B 316 15.70 27.34 1.99
C LEU B 316 15.06 28.27 3.01
N LYS B 317 14.38 27.74 4.03
CA LYS B 317 13.80 28.57 5.07
C LYS B 317 14.70 28.72 6.29
N THR B 318 15.65 27.80 6.46
CA THR B 318 16.51 27.76 7.64
C THR B 318 17.64 28.77 7.53
N ASN B 319 18.06 29.13 6.33
CA ASN B 319 19.29 29.88 6.14
C ASN B 319 19.17 30.79 4.91
N SER B 320 20.03 31.81 4.89
CA SER B 320 20.07 32.75 3.78
C SER B 320 21.47 33.34 3.60
N TYR B 321 22.50 32.75 4.19
CA TYR B 321 23.83 33.35 4.15
C TYR B 321 24.31 33.54 2.72
N GLY B 322 25.16 34.56 2.52
CA GLY B 322 25.73 34.80 1.21
C GLY B 322 26.83 33.80 0.87
N LYS B 323 27.63 33.41 1.86
CA LYS B 323 28.67 32.42 1.62
C LYS B 323 28.12 31.00 1.66
N ASN B 324 27.34 30.69 2.69
CA ASN B 324 26.76 29.35 2.81
C ASN B 324 25.84 29.00 1.64
N ARG B 325 25.31 29.98 0.92
CA ARG B 325 24.48 29.66 -0.24
C ARG B 325 25.23 28.79 -1.24
N ILE B 326 26.52 29.06 -1.46
CA ILE B 326 27.31 28.19 -2.32
C ILE B 326 27.36 26.79 -1.73
N THR B 327 27.60 26.70 -0.41
CA THR B 327 27.60 25.42 0.27
C THR B 327 26.19 24.83 0.36
N ARG B 328 25.17 25.69 0.42
CA ARG B 328 23.80 25.20 0.51
C ARG B 328 23.34 24.61 -0.82
N ASP B 329 23.78 25.22 -1.93
CA ASP B 329 23.48 24.65 -3.24
C ASP B 329 24.22 23.33 -3.44
N GLN B 330 25.41 23.20 -2.87
CA GLN B 330 26.16 21.95 -2.98
C GLN B 330 25.39 20.79 -2.36
N VAL B 331 24.62 21.05 -1.29
CA VAL B 331 23.78 20.00 -0.71
C VAL B 331 22.60 19.71 -1.62
N LEU B 332 21.95 20.74 -2.13
CA LEU B 332 20.84 20.55 -3.06
C LEU B 332 21.30 19.82 -4.31
N LYS B 333 22.50 20.14 -4.80
CA LYS B 333 23.04 19.42 -5.95
C LYS B 333 23.09 17.92 -5.67
N MET B 334 23.51 17.53 -4.47
CA MET B 334 23.61 16.13 -4.12
C MET B 334 22.24 15.52 -3.81
N ALA B 335 21.33 16.31 -3.25
CA ALA B 335 19.97 15.82 -3.02
C ALA B 335 19.18 15.75 -4.32
N ALA B 336 19.44 16.66 -5.26
CA ALA B 336 18.76 16.64 -6.55
C ALA B 336 19.32 15.59 -7.49
N ALA B 337 20.46 14.99 -7.17
CA ALA B 337 21.05 13.98 -8.05
C ALA B 337 20.38 12.62 -7.87
N VAL B 338 20.14 12.22 -6.63
CA VAL B 338 19.52 10.92 -6.39
C VAL B 338 18.16 10.84 -7.04
N VAL B 339 17.39 11.93 -6.98
CA VAL B 339 16.05 11.93 -7.56
C VAL B 339 16.14 11.94 -9.08
N LEU B 340 17.12 12.64 -9.65
CA LEU B 340 17.26 12.67 -11.09
C LEU B 340 17.84 11.37 -11.63
N ALA B 341 18.84 10.81 -10.95
CA ALA B 341 19.40 9.54 -11.40
C ALA B 341 18.37 8.43 -11.35
N PHE B 342 17.36 8.56 -10.49
CA PHE B 342 16.32 7.54 -10.39
C PHE B 342 15.35 7.63 -11.56
N ILE B 343 14.94 8.84 -11.93
CA ILE B 343 13.99 8.99 -13.03
C ILE B 343 14.66 8.76 -14.37
N ILE B 344 15.93 9.15 -14.52
CA ILE B 344 16.62 8.97 -15.79
C ILE B 344 16.79 7.49 -16.09
N CYS B 345 17.05 6.67 -15.07
CA CYS B 345 17.35 5.27 -15.28
C CYS B 345 16.09 4.41 -15.37
N TRP B 346 15.03 4.75 -14.64
CA TRP B 346 13.88 3.87 -14.50
C TRP B 346 12.66 4.32 -15.28
N LEU B 347 12.48 5.61 -15.52
CA LEU B 347 11.33 6.05 -16.30
C LEU B 347 11.27 5.40 -17.68
N PRO B 348 12.38 5.20 -18.39
CA PRO B 348 12.28 4.51 -19.69
C PRO B 348 11.66 3.12 -19.60
N PHE B 349 12.15 2.29 -18.67
CA PHE B 349 11.60 0.94 -18.55
C PHE B 349 10.15 0.96 -18.12
N HIS B 350 9.80 1.81 -17.15
CA HIS B 350 8.45 1.76 -16.61
C HIS B 350 7.43 2.38 -17.56
N VAL B 351 7.85 3.34 -18.38
CA VAL B 351 6.95 3.87 -19.41
C VAL B 351 6.62 2.78 -20.42
N LEU B 352 7.63 2.04 -20.87
CA LEU B 352 7.39 0.93 -21.78
C LEU B 352 6.52 -0.14 -21.11
N THR B 353 6.75 -0.39 -19.82
CA THR B 353 5.93 -1.36 -19.11
C THR B 353 4.48 -0.90 -19.02
N PHE B 354 4.25 0.38 -18.75
CA PHE B 354 2.88 0.89 -18.64
C PHE B 354 2.15 0.77 -19.96
N LEU B 355 2.82 1.09 -21.07
CA LEU B 355 2.18 0.99 -22.39
C LEU B 355 1.86 -0.46 -22.73
N ASP B 356 2.82 -1.37 -22.50
CA ASP B 356 2.57 -2.79 -22.76
C ASP B 356 1.31 -3.26 -22.02
N ALA B 357 1.12 -2.80 -20.79
CA ALA B 357 -0.10 -3.13 -20.06
C ALA B 357 -1.33 -2.57 -20.77
N LEU B 358 -1.22 -1.34 -21.27
CA LEU B 358 -2.32 -0.74 -22.03
C LEU B 358 -2.60 -1.51 -23.31
N ALA B 359 -1.62 -2.27 -23.82
CA ALA B 359 -1.87 -3.13 -24.97
C ALA B 359 -2.69 -4.35 -24.55
N TRP B 360 -2.25 -5.05 -23.51
CA TRP B 360 -2.98 -6.22 -23.04
C TRP B 360 -4.40 -5.87 -22.62
N MET B 361 -4.63 -4.63 -22.20
CA MET B 361 -5.98 -4.21 -21.81
C MET B 361 -6.83 -3.77 -22.99
N GLY B 362 -6.23 -3.59 -24.17
CA GLY B 362 -6.97 -3.25 -25.36
C GLY B 362 -7.15 -1.77 -25.61
N VAL B 363 -6.46 -0.91 -24.88
CA VAL B 363 -6.55 0.53 -25.12
C VAL B 363 -5.59 0.96 -26.22
N ILE B 364 -4.35 0.46 -26.18
CA ILE B 364 -3.35 0.77 -27.18
C ILE B 364 -3.28 -0.44 -28.11
N ASN B 365 -4.01 -0.37 -29.22
CA ASN B 365 -4.03 -1.42 -30.22
C ASN B 365 -3.21 -1.08 -31.46
N SER B 366 -2.51 0.05 -31.45
CA SER B 366 -1.72 0.45 -32.62
C SER B 366 -0.57 -0.52 -32.81
N CYS B 367 -0.49 -1.12 -34.00
CA CYS B 367 0.57 -2.08 -34.28
C CYS B 367 1.94 -1.43 -34.31
N GLU B 368 2.01 -0.17 -34.77
CA GLU B 368 3.29 0.53 -34.81
C GLU B 368 3.88 0.69 -33.41
N VAL B 369 3.03 0.88 -32.41
CA VAL B 369 3.51 1.09 -31.04
C VAL B 369 4.10 -0.20 -30.47
N ILE B 370 3.38 -1.31 -30.62
CA ILE B 370 3.85 -2.57 -30.02
C ILE B 370 5.22 -2.95 -30.56
N ALA B 371 5.48 -2.67 -31.84
CA ALA B 371 6.80 -2.94 -32.39
C ALA B 371 7.85 -2.06 -31.72
N VAL B 372 7.53 -0.78 -31.49
CA VAL B 372 8.46 0.11 -30.81
C VAL B 372 8.74 -0.40 -29.40
N ILE B 373 7.69 -0.84 -28.69
CA ILE B 373 7.89 -1.41 -27.36
C ILE B 373 8.88 -2.58 -27.43
N ASP B 374 8.71 -3.45 -28.43
CA ASP B 374 9.56 -4.62 -28.53
C ASP B 374 11.00 -4.25 -28.86
N LEU B 375 11.21 -3.20 -29.65
CA LEU B 375 12.57 -2.83 -30.05
C LEU B 375 13.32 -2.07 -28.96
N ALA B 376 12.62 -1.27 -28.16
CA ALA B 376 13.28 -0.41 -27.18
C ALA B 376 13.40 -1.04 -25.80
N LEU B 377 12.73 -2.17 -25.56
CA LEU B 377 12.76 -2.74 -24.21
C LEU B 377 14.16 -3.13 -23.75
N PRO B 378 15.02 -3.75 -24.58
CA PRO B 378 16.34 -4.13 -24.09
C PRO B 378 17.19 -2.95 -23.65
N PHE B 379 17.00 -1.78 -24.26
CA PHE B 379 17.78 -0.61 -23.85
C PHE B 379 17.29 -0.06 -22.52
N ALA B 380 15.96 -0.01 -22.34
CA ALA B 380 15.42 0.49 -21.08
C ALA B 380 15.75 -0.43 -19.91
N ILE B 381 15.70 -1.75 -20.15
CA ILE B 381 16.05 -2.69 -19.08
C ILE B 381 17.51 -2.53 -18.69
N LEU B 382 18.36 -2.10 -19.63
CA LEU B 382 19.76 -1.89 -19.31
C LEU B 382 19.96 -0.61 -18.51
N LEU B 383 19.17 0.43 -18.80
CA LEU B 383 19.24 1.64 -17.99
C LEU B 383 18.89 1.36 -16.54
N GLY B 384 17.97 0.42 -16.31
CA GLY B 384 17.70 0.00 -14.94
C GLY B 384 18.93 -0.60 -14.27
N PHE B 385 19.63 -1.48 -14.98
CA PHE B 385 20.88 -2.01 -14.45
C PHE B 385 21.90 -0.91 -14.23
N THR B 386 21.85 0.15 -15.02
CA THR B 386 22.83 1.22 -14.89
C THR B 386 22.67 1.98 -13.58
N ASN B 387 21.44 2.09 -13.07
CA ASN B 387 21.25 2.73 -11.78
C ASN B 387 22.04 2.05 -10.67
N SER B 388 22.35 0.77 -10.84
CA SER B 388 23.26 0.10 -9.92
C SER B 388 24.70 0.56 -10.10
N CYS B 389 25.04 1.11 -11.27
CA CYS B 389 26.37 1.67 -11.48
C CYS B 389 26.48 3.09 -10.95
N VAL B 390 25.35 3.81 -10.86
CA VAL B 390 25.37 5.18 -10.37
C VAL B 390 25.18 5.25 -8.86
N ASN B 391 24.56 4.23 -8.24
CA ASN B 391 24.37 4.25 -6.80
C ASN B 391 25.67 4.38 -6.03
N PRO B 392 26.75 3.66 -6.38
CA PRO B 392 28.02 3.86 -5.65
C PRO B 392 28.47 5.31 -5.60
N PHE B 393 28.33 6.04 -6.70
CA PHE B 393 28.78 7.43 -6.72
C PHE B 393 27.89 8.33 -5.87
N LEU B 394 26.60 8.00 -5.75
CA LEU B 394 25.63 8.90 -5.16
C LEU B 394 25.53 8.81 -3.64
N TYR B 395 25.85 7.66 -3.05
CA TYR B 395 25.58 7.49 -1.62
C TYR B 395 26.82 7.12 -0.80
N YCM B 396 27.83 6.56 -1.45
CA YCM B 396 29.00 6.10 -0.73
CB YCM B 396 29.52 4.79 -1.29
SG YCM B 396 31.11 4.28 -0.73
CD YCM B 396 30.80 3.17 0.62
CE YCM B 396 31.27 3.67 1.96
OZ1 YCM B 396 32.23 4.47 2.04
NZ2 YCM B 396 30.63 3.23 3.09
C YCM B 396 30.15 7.10 -0.72
O YCM B 396 30.87 7.31 0.27
N PHE B 397 30.34 7.75 -1.86
CA PHE B 397 31.48 8.64 -2.07
C PHE B 397 31.13 10.05 -1.64
N VAL B 398 29.87 10.42 -1.82
CA VAL B 398 29.39 11.74 -1.38
C VAL B 398 28.64 11.65 -0.07
N GLY B 399 28.70 10.50 0.61
CA GLY B 399 28.07 10.39 1.92
C GLY B 399 28.86 11.10 2.99
N ASN B 400 30.19 11.03 2.91
CA ASN B 400 31.03 11.74 3.86
C ASN B 400 30.93 13.25 3.67
N ARG B 401 30.84 13.70 2.41
CA ARG B 401 30.73 15.12 2.13
C ARG B 401 29.34 15.66 2.41
N PHE B 402 28.32 14.81 2.39
CA PHE B 402 26.95 15.29 2.62
C PHE B 402 26.80 15.77 4.06
N GLN B 403 27.08 14.90 5.03
CA GLN B 403 26.94 15.29 6.43
C GLN B 403 27.79 16.50 6.77
N GLN B 404 28.95 16.64 6.12
CA GLN B 404 29.81 17.78 6.41
C GLN B 404 29.16 19.09 5.98
N LYS B 405 28.59 19.12 4.78
CA LYS B 405 27.95 20.33 4.28
C LYS B 405 26.59 20.58 4.90
N LEU B 406 26.00 19.57 5.56
CA LEU B 406 24.78 19.80 6.32
C LEU B 406 25.07 20.49 7.63
N ARG B 407 26.11 20.04 8.34
CA ARG B 407 26.50 20.72 9.57
C ARG B 407 27.11 22.10 9.30
N SER B 408 27.53 22.35 8.05
CA SER B 408 28.16 23.62 7.71
C SER B 408 27.13 24.75 7.60
N VAL B 409 26.05 24.52 6.84
CA VAL B 409 25.01 25.54 6.69
C VAL B 409 24.10 25.65 7.90
N PHE B 410 24.27 24.79 8.91
CA PHE B 410 23.43 24.84 10.10
C PHE B 410 21.96 24.72 9.70
N VFD C . -4.23 0.97 14.88
CA VFD C . -4.44 0.77 16.34
C VFD C . -5.31 1.91 16.94
O VFD C . -5.09 2.23 18.14
CB VFD C . -3.12 0.64 17.10
CG VFD C . -2.01 1.56 16.66
CD1 VFD C . -0.92 1.83 17.51
CD2 VFD C . -2.05 2.17 15.40
CAA VFD C . 2.23 3.74 17.73
CAC VFD C . 0.12 2.68 17.13
CAG VFD C . -3.18 1.91 14.45
CAN VFD C . -4.97 0.34 13.86
CAP VFD C . -6.08 -0.65 14.25
CAQ VFD C . -7.19 -0.77 13.21
CAR VFD C . -6.96 -0.99 11.84
CAS VFD C . -8.01 -1.10 10.94
CAT VFD C . -9.32 -0.99 11.38
CAU VFD C . -9.58 -0.77 12.73
CAV VFD C . -8.53 -0.67 13.63
CAW VFD C . -5.60 -2.01 14.74
CAX VFD C . -6.23 -2.59 15.85
CAY VFD C . -5.82 -3.83 16.34
CAZ VFD C . -4.78 -4.51 15.74
CBA VFD C . -4.13 -3.95 14.64
CBB VFD C . -4.53 -2.71 14.14
CBC VFD C . -1.01 3.01 15.01
CBD VFD C . 0.07 3.27 15.85
CBF VFD C . -0.28 -0.08 18.66
CBG VFD C . 0.34 -0.46 19.98
CBH VFD C . 0.93 0.52 20.80
CBI VFD C . 1.49 0.16 22.02
CBJ VFD C . 1.47 -1.16 22.45
CBK VFD C . 0.90 -2.13 21.64
CBL VFD C . 0.33 -1.78 20.43
OAB VFD C . 1.15 2.86 18.07
OAO VFD C . -4.73 0.56 12.67
OBE VFD C . -0.88 1.23 18.76
OXX VFD C . -6.16 2.39 16.15
C10 OLC D . -23.48 -4.54 14.59
C9 OLC D . -23.75 -4.44 13.29
C11 OLC D . -22.25 -5.26 15.09
C8 OLC D . -22.87 -5.02 12.20
C24 OLC D . -29.63 -13.08 4.86
C7 OLC D . -23.44 -6.34 11.67
C6 OLC D . -24.88 -6.20 11.18
C5 OLC D . -25.53 -7.58 10.99
C4 OLC D . -25.93 -7.81 9.52
C3 OLC D . -26.97 -8.92 9.44
C2 OLC D . -27.15 -9.45 8.02
C21 OLC D . -29.74 -11.14 6.45
C1 OLC D . -28.17 -10.59 8.01
C22 OLC D . -30.34 -12.51 6.09
O19 OLC D . -28.76 -10.87 9.04
O25 OLC D . -30.45 -14.05 4.27
O23 OLC D . -30.19 -13.39 7.17
O20 OLC D . -28.43 -11.27 6.89
C1 OLA E . -17.55 -24.25 14.05
O1 OLA E . -17.57 -25.38 14.60
O2 OLA E . -18.55 -23.87 13.40
C2 OLA E . -16.32 -23.35 14.19
C3 OLA E . -15.82 -23.28 15.63
C4 OLA E . -14.74 -22.21 15.87
C5 OLA E . -14.27 -21.50 14.60
C6 OLA E . -12.92 -20.79 14.82
C7 OLA E . -13.02 -19.70 15.88
C8 OLA E . -11.90 -19.85 16.88
C9 OLA E . -10.62 -19.32 16.28
C10 OLA E . -9.86 -18.44 16.93
C11 OLA E . -10.23 -17.90 18.29
C12 OLA E . -9.23 -16.87 18.78
C13 OLA E . -7.84 -17.47 18.95
C14 OLA E . -7.54 -17.76 20.42
C1 OLA F . -13.20 -25.25 10.15
O1 OLA F . -13.92 -26.12 9.63
O2 OLA F . -12.98 -24.19 9.53
C2 OLA F . -12.59 -25.48 11.54
C3 OLA F . -12.18 -24.17 12.20
C4 OLA F . -10.67 -24.00 12.26
C5 OLA F . -10.26 -23.19 13.48
C6 OLA F . -8.78 -22.84 13.48
C7 OLA F . -8.48 -21.89 14.65
C8 OLA F . -7.04 -22.01 15.13
C9 OLA F . -6.13 -21.17 14.27
C10 OLA F . -5.22 -20.35 14.79
C11 OLA F . -5.03 -20.19 16.27
C12 OLA F . -3.87 -19.26 16.59
C13 OLA F . -2.60 -19.68 15.85
C18 OLC G . -18.23 -12.77 21.81
C10 OLC G . -23.59 -9.34 16.39
C9 OLC G . -24.20 -9.92 15.35
C17 OLC G . -19.55 -13.30 21.32
C11 OLC G . -22.11 -9.16 16.49
C8 OLC G . -23.45 -10.45 14.15
C24 OLC G . -32.72 -17.46 8.58
C16 OLC G . -20.65 -12.26 21.56
C12 OLC G . -21.70 -9.29 17.96
C7 OLC G . -24.27 -11.54 13.48
C15 OLC G . -21.69 -12.24 20.44
C13 OLC G . -21.80 -10.74 18.42
C6 OLC G . -25.63 -11.05 12.97
C14 OLC G . -21.97 -10.83 19.94
C5 OLC G . -26.74 -11.95 13.49
C4 OLC G . -28.08 -11.59 12.84
C3 OLC G . -28.98 -12.81 12.70
C2 OLC G . -29.51 -12.95 11.28
C21 OLC G . -31.59 -15.74 9.97
C1 OLC G . -30.42 -14.16 11.14
C22 OLC G . -31.71 -16.32 8.56
O19 OLC G . -30.79 -14.75 12.15
O25 OLC G . -33.77 -17.18 7.70
O23 OLC G . -32.14 -15.31 7.68
O20 OLC G . -30.79 -14.59 9.94
C18 OLC H . -18.78 5.10 2.71
C10 OLC H . -19.34 8.65 10.58
C9 OLC H . -20.00 9.23 11.59
C17 OLC H . -19.41 5.32 4.08
C11 OLC H . -17.88 8.29 10.64
C8 OLC H . -19.33 9.59 12.89
C24 OLC H . -17.23 16.73 22.80
C16 OLC H . -18.31 5.54 5.11
C12 OLC H . -17.31 8.21 9.23
C7 OLC H . -19.34 11.11 13.06
C15 OLC H . -18.86 6.20 6.38
C13 OLC H . -17.74 6.92 8.53
C6 OLC H . -18.49 11.52 14.27
C14 OLC H . -17.82 7.12 7.01
C5 OLC H . -18.35 13.04 14.34
C4 OLC H . -18.75 13.58 15.71
C3 OLC H . -17.58 13.50 16.69
C2 OLC H . -18.04 13.68 18.13
C21 OLC H . -17.60 15.45 20.67
C1 OLC H . -18.21 15.15 18.49
C22 OLC H . -18.17 15.77 22.06
O19 OLC H . -17.98 16.02 17.66
O25 OLC H . -17.43 16.58 24.19
O23 OLC H . -19.43 16.37 21.92
O20 OLC H . -18.61 15.50 19.71
C1 OLA I . -22.39 13.88 19.37
O1 OLA I . -23.37 13.32 19.92
O2 OLA I . -21.88 14.89 19.90
C2 OLA I . -21.82 13.32 18.06
C3 OLA I . -22.79 12.33 17.41
C4 OLA I . -22.48 10.88 17.81
C5 OLA I . -21.86 10.07 16.68
C6 OLA I . -22.71 10.09 15.40
C7 OLA I . -23.17 8.70 14.93
C8 OLA I . -22.09 7.63 15.04
C9 OLA I . -22.28 6.60 13.95
C10 OLA I . -22.22 5.29 14.18
C11 OLA I . -21.99 4.73 15.57
C12 OLA I . -22.17 3.23 15.54
C13 OLA I . -22.20 2.61 16.94
C14 OLA I . -22.42 1.10 16.82
C15 OLA I . -21.72 0.32 17.94
C16 OLA I . -20.39 -0.26 17.47
C17 OLA I . -19.98 -1.48 18.31
C18 OLA I . -18.69 -2.07 17.78
C FMT J . -7.74 -8.98 10.28
O1 FMT J . -8.03 -9.87 9.44
O2 FMT J . -6.71 -9.10 10.99
O1 HEZ K . -1.53 17.29 22.19
C1 HEZ K . -1.66 15.90 22.36
C2 HEZ K . -2.27 15.62 23.73
C3 HEZ K . -2.38 14.12 23.97
C4 HEZ K . -3.49 13.87 25.00
C5 HEZ K . -3.47 12.40 25.42
C6 HEZ K . -4.71 12.09 26.25
O6 HEZ K . -4.99 10.71 26.20
N VFD L . 12.49 -8.20 -14.65
CA VFD L . 12.33 -7.71 -16.04
C VFD L . 10.83 -7.50 -16.40
O VFD L . 9.99 -7.83 -15.51
CB VFD L . 12.95 -8.63 -17.11
CG VFD L . 13.39 -10.01 -16.71
CD1 VFD L . 14.06 -10.85 -17.62
CD2 VFD L . 13.15 -10.49 -15.43
CAA VFD L . 14.31 -13.48 -19.27
CAC VFD L . 14.48 -12.14 -17.27
CAG VFD L . 12.45 -9.64 -14.41
CAN VFD L . 12.67 -7.37 -13.51
CAP VFD L . 12.73 -5.84 -13.69
CAQ VFD L . 12.13 -5.10 -12.48
CAR VFD L . 10.89 -4.43 -12.56
CAS VFD L . 10.37 -3.76 -11.45
CAT VFD L . 11.07 -3.75 -10.26
CAU VFD L . 12.30 -4.39 -10.17
CAV VFD L . 12.83 -5.06 -11.27
CAW VFD L . 14.14 -5.35 -14.04
CAX VFD L . 14.30 -4.18 -14.78
CAY VFD L . 15.56 -3.71 -15.11
CAZ VFD L . 16.69 -4.41 -14.70
CBA VFD L . 16.56 -5.57 -13.96
CBB VFD L . 15.29 -6.04 -13.63
CBC VFD L . 13.56 -11.79 -15.06
CBD VFD L . 14.22 -12.61 -15.97
CBF VFD L . 15.72 -10.10 -19.12
CBG VFD L . 15.91 -9.54 -20.51
CBH VFD L . 14.91 -9.66 -21.47
CBI VFD L . 15.08 -9.16 -22.75
CBJ VFD L . 16.27 -8.52 -23.09
CBK VFD L . 17.28 -8.39 -22.14
CBL VFD L . 17.10 -8.90 -20.86
OAB VFD L . 15.13 -12.89 -18.26
OAO VFD L . 12.80 -7.85 -12.39
OBE VFD L . 14.33 -10.39 -18.92
OXX VFD L . 10.61 -7.03 -17.55
C1 OLA M . 14.29 4.74 7.51
O1 OLA M . 13.82 5.50 8.38
O2 OLA M . 15.53 4.73 7.32
C2 OLA M . 13.40 3.83 6.68
C3 OLA M . 11.92 4.23 6.81
C4 OLA M . 11.16 3.85 5.55
C5 OLA M . 10.97 2.33 5.43
C6 OLA M . 10.95 1.85 3.98
C7 OLA M . 10.31 2.87 3.03
C8 OLA M . 9.50 2.16 1.96
C9 OLA M . 10.40 1.32 1.09
C10 OLA M . 9.93 0.57 0.10
C11 OLA M . 8.45 0.51 -0.25
C12 OLA M . 7.96 -0.93 -0.11
C13 OLA M . 6.58 -1.12 -0.74
C14 OLA M . 5.63 -1.79 0.23
C15 OLA M . 4.82 -2.90 -0.45
C16 OLA M . 5.58 -4.23 -0.43
C17 OLA M . 4.92 -5.26 -1.34
C18 OLA M . 5.05 -6.65 -0.77
#